data_3GZS
#
_entry.id   3GZS
#
_cell.length_a   88.921
_cell.length_b   50.377
_cell.length_c   117.950
_cell.angle_alpha   90.000
_cell.angle_beta   108.050
_cell.angle_gamma   90.000
#
_symmetry.space_group_name_H-M   'P 1 21 1'
#
loop_
_entity.id
_entity.type
_entity.pdbx_description
1 polymer 'Uncharacterized SusD superfamily protein'
2 non-polymer GLYCEROL
3 non-polymer 'ACETATE ION'
4 water water
#
_entity_poly.entity_id   1
_entity_poly.type   'polypeptide(L)'
_entity_poly.pdbx_seq_one_letter_code
;GSEDINRNPLLPTKEDEK(MSE)DGVIYGAYLPNLEKSVIPIGTASESTEPVNRYQIGVNLAGDAWAGY(MSE)SPRDNK
FNGSKNFTNYF(MSE)YENWVNYVYSF(MSE)VTDVYSPW(MSE)QIKRISQDEGTRNDEIYALAQIIKIAALHRTTD
(MSE)FGPIPYSQVGKGSFKVAYDSQESVYRSFLKELEEAVQTLDDYSNKSKEVLPAFDIVYNGDVNKW(MSE)RFANSL
(MSE)LRLAIRVRFADAGLAKEYAEKAVKHPAGLINSKELAAQ(MSE)GKGAGLQ(MSE)KNPLKVINEEYNDTR(MSE)
GATIYSYLAGYNDARAAVYFVKNNGFKAVRCGIAKSGDAYNGFTRPNVHEDDPLYW(MSE)KASEV(OCS)FLKAEGALA
GFD(MSE)GGSAGDFYNAGIR(MSE)SFSENGLDNSSAETYLKDSTRKPANYTDTSNGELSANAPSSITIRWENGATEEE
KLERIITQKYLAIFPNGQEAWTEWRRTGYPRQIVVAENKTNSAVLIGNGYDLGGVRRLPYPRTEYEQNGENLHNAISQYL
GGVDNAATKVWWDKKSK
;
_entity_poly.pdbx_strand_id   A,B
#
# COMPACT_ATOMS: atom_id res chain seq x y z
N GLY A 21 21.21 -1.79 11.60
CA GLY A 21 20.87 -2.89 10.64
C GLY A 21 22.02 -3.18 9.68
N VAL A 22 22.95 -4.01 10.13
CA VAL A 22 24.15 -4.36 9.33
C VAL A 22 23.78 -5.02 7.98
N ILE A 23 22.66 -5.76 7.97
CA ILE A 23 22.16 -6.41 6.74
C ILE A 23 22.02 -5.43 5.56
N TYR A 24 21.66 -4.18 5.85
CA TYR A 24 21.49 -3.14 4.81
C TYR A 24 22.80 -2.44 4.35
N GLY A 25 23.91 -2.72 5.05
CA GLY A 25 25.18 -2.08 4.74
C GLY A 25 25.76 -2.44 3.40
N ALA A 26 25.36 -3.57 2.85
CA ALA A 26 25.83 -4.00 1.54
C ALA A 26 25.05 -3.31 0.41
N TYR A 27 23.73 -3.25 0.56
CA TYR A 27 22.84 -2.76 -0.51
C TYR A 27 22.67 -1.26 -0.62
N LEU A 28 22.59 -0.55 0.52
CA LEU A 28 22.34 0.90 0.48
C LEU A 28 23.43 1.69 -0.27
N PRO A 29 24.71 1.47 0.08
CA PRO A 29 25.73 2.20 -0.67
C PRO A 29 25.70 1.90 -2.17
N ASN A 30 25.55 0.62 -2.53
CA ASN A 30 25.45 0.23 -3.94
C ASN A 30 24.29 0.92 -4.64
N LEU A 31 23.15 1.04 -3.97
CA LEU A 31 21.99 1.70 -4.59
C LEU A 31 22.30 3.19 -4.85
N GLU A 32 22.92 3.86 -3.87
CA GLU A 32 23.32 5.27 -4.00
C GLU A 32 24.40 5.48 -5.09
N LYS A 33 25.33 4.52 -5.18
CA LYS A 33 26.38 4.59 -6.22
C LYS A 33 25.84 4.32 -7.64
N SER A 34 24.61 3.83 -7.75
CA SER A 34 24.00 3.54 -9.03
C SER A 34 23.22 4.73 -9.61
N VAL A 35 22.94 5.76 -8.79
CA VAL A 35 22.14 6.91 -9.25
C VAL A 35 22.86 7.64 -10.38
N ILE A 36 24.11 8.01 -10.12
CA ILE A 36 25.03 8.55 -11.12
C ILE A 36 26.31 7.76 -10.83
N PRO A 37 26.76 6.91 -11.79
CA PRO A 37 27.88 5.96 -11.53
C PRO A 37 29.11 6.59 -10.90
N ILE A 38 29.49 6.08 -9.73
CA ILE A 38 30.62 6.59 -8.98
C ILE A 38 30.97 5.57 -7.92
N GLY A 39 32.21 5.58 -7.46
CA GLY A 39 32.63 4.65 -6.41
C GLY A 39 33.84 5.12 -5.65
N THR A 40 34.34 4.24 -4.80
CA THR A 40 35.52 4.51 -4.00
C THR A 40 36.78 4.27 -4.84
N ALA A 41 37.95 4.47 -4.26
CA ALA A 41 39.22 4.27 -4.97
C ALA A 41 39.38 2.83 -5.48
N SER A 42 39.13 1.86 -4.60
CA SER A 42 39.24 0.43 -4.98
C SER A 42 38.26 0.01 -6.07
N GLU A 43 37.15 0.73 -6.15
CA GLU A 43 36.07 0.42 -7.05
C GLU A 43 36.14 1.21 -8.36
N SER A 44 37.01 2.20 -8.44
CA SER A 44 37.01 3.15 -9.57
C SER A 44 37.67 2.71 -10.90
N THR A 45 37.53 3.58 -11.89
CA THR A 45 37.86 3.35 -13.30
C THR A 45 36.80 2.44 -14.01
N GLU A 46 36.41 1.30 -13.42
CA GLU A 46 35.30 0.51 -14.01
C GLU A 46 33.99 1.35 -14.15
N PRO A 47 33.52 1.97 -13.04
CA PRO A 47 32.34 2.82 -13.14
C PRO A 47 32.64 4.11 -13.85
N VAL A 48 33.91 4.51 -13.90
CA VAL A 48 34.27 5.71 -14.64
C VAL A 48 33.87 5.50 -16.10
N ASN A 49 34.07 4.27 -16.61
CA ASN A 49 33.71 3.93 -17.99
C ASN A 49 32.21 4.04 -18.24
N ARG A 50 31.40 3.75 -17.22
CA ARG A 50 29.96 3.89 -17.31
C ARG A 50 29.61 5.37 -17.36
N TYR A 51 30.25 6.15 -16.51
CA TYR A 51 30.06 7.60 -16.49
C TYR A 51 30.49 8.23 -17.85
N GLN A 52 31.61 7.76 -18.40
CA GLN A 52 32.12 8.30 -19.67
C GLN A 52 31.13 8.11 -20.80
N ILE A 53 30.58 6.91 -20.91
CA ILE A 53 29.62 6.59 -21.98
C ILE A 53 28.19 7.10 -21.73
N GLY A 54 27.72 6.96 -20.48
CA GLY A 54 26.35 7.32 -20.13
C GLY A 54 26.11 8.79 -19.84
N VAL A 55 27.17 9.54 -19.59
CA VAL A 55 27.06 10.97 -19.28
C VAL A 55 28.01 11.84 -20.13
N ASN A 56 29.30 11.59 -20.03
CA ASN A 56 30.29 12.46 -20.70
C ASN A 56 30.18 12.48 -22.23
N LEU A 57 29.90 11.33 -22.82
CA LEU A 57 29.75 11.22 -24.28
C LEU A 57 28.26 11.20 -24.71
N ALA A 58 27.36 11.37 -23.74
CA ALA A 58 25.92 11.43 -23.99
C ALA A 58 25.42 12.87 -23.70
N GLY A 59 24.74 13.08 -22.58
CA GLY A 59 24.19 14.40 -22.21
C GLY A 59 25.20 15.54 -22.21
N ASP A 60 26.42 15.30 -21.74
CA ASP A 60 27.46 16.34 -21.76
C ASP A 60 27.73 16.81 -23.19
N ALA A 61 27.74 15.87 -24.12
CA ALA A 61 27.98 16.17 -25.52
C ALA A 61 26.77 16.84 -26.14
N TRP A 62 25.60 16.26 -25.92
CA TRP A 62 24.37 16.74 -26.55
C TRP A 62 23.88 18.06 -25.99
N ALA A 63 24.25 18.38 -24.75
CA ALA A 63 23.85 19.64 -24.13
C ALA A 63 24.94 20.73 -24.31
N GLY A 64 26.05 20.37 -24.95
CA GLY A 64 27.11 21.33 -25.26
C GLY A 64 28.11 21.66 -24.16
N TYR A 65 28.14 20.86 -23.10
CA TYR A 65 29.08 21.08 -22.00
C TYR A 65 30.51 20.71 -22.39
N SER A 67 33.24 18.17 -25.15
CA SER A 67 33.47 17.42 -26.38
C SER A 67 34.73 16.59 -26.25
N PRO A 68 34.79 15.45 -26.93
CA PRO A 68 35.99 14.66 -26.84
C PRO A 68 37.23 15.37 -27.40
N ARG A 69 38.39 15.09 -26.81
CA ARG A 69 39.65 15.63 -27.29
C ARG A 69 39.82 15.24 -28.74
N ASP A 70 39.61 13.94 -29.01
CA ASP A 70 39.67 13.41 -30.37
C ASP A 70 38.49 12.45 -30.50
N ASN A 71 37.65 12.69 -31.51
CA ASN A 71 36.48 11.86 -31.76
C ASN A 71 36.89 10.59 -32.49
N LYS A 72 37.50 9.69 -31.74
CA LYS A 72 38.06 8.47 -32.30
C LYS A 72 37.26 7.21 -32.00
N PHE A 73 36.34 7.30 -31.05
CA PHE A 73 35.63 6.11 -30.57
C PHE A 73 34.83 5.40 -31.66
N ASN A 74 34.95 4.06 -31.68
CA ASN A 74 34.25 3.20 -32.63
C ASN A 74 34.41 3.69 -34.07
N GLY A 75 35.65 3.91 -34.48
CA GLY A 75 35.93 4.39 -35.84
C GLY A 75 35.26 5.72 -36.13
N SER A 76 35.23 6.58 -35.11
CA SER A 76 34.59 7.90 -35.17
C SER A 76 33.08 7.88 -35.52
N LYS A 77 32.38 6.84 -35.06
CA LYS A 77 30.92 6.75 -35.22
C LYS A 77 30.38 6.40 -33.85
N ASN A 78 29.90 7.42 -33.12
CA ASN A 78 29.47 7.23 -31.76
C ASN A 78 28.40 8.25 -31.40
N PHE A 79 28.04 8.30 -30.12
CA PHE A 79 27.03 9.23 -29.64
C PHE A 79 27.29 10.70 -30.05
N THR A 80 28.55 11.12 -30.09
CA THR A 80 28.86 12.53 -30.37
C THR A 80 28.46 12.99 -31.79
N ASN A 81 28.40 12.06 -32.75
CA ASN A 81 27.92 12.39 -34.08
C ASN A 81 26.63 11.64 -34.42
N TYR A 82 25.89 11.32 -33.36
CA TYR A 82 24.55 10.74 -33.42
C TYR A 82 24.39 9.27 -33.87
N PHE A 83 25.51 8.54 -33.89
CA PHE A 83 25.50 7.13 -34.20
C PHE A 83 25.25 6.42 -32.88
N TYR A 85 25.52 3.65 -31.14
CA TYR A 85 26.27 2.39 -31.15
C TYR A 85 25.65 1.37 -30.24
N GLU A 86 25.27 0.23 -30.83
CA GLU A 86 24.56 -0.85 -30.13
C GLU A 86 25.21 -1.31 -28.82
N ASN A 87 26.54 -1.48 -28.83
CA ASN A 87 27.25 -1.95 -27.64
C ASN A 87 27.10 -0.97 -26.50
N TRP A 88 27.22 0.32 -26.81
CA TRP A 88 27.03 1.39 -25.81
C TRP A 88 25.60 1.41 -25.27
N VAL A 89 24.61 1.29 -26.16
CA VAL A 89 23.20 1.29 -25.70
C VAL A 89 22.90 0.07 -24.78
N ASN A 90 23.39 -1.11 -25.14
CA ASN A 90 23.25 -2.31 -24.29
C ASN A 90 23.82 -2.05 -22.91
N TYR A 91 25.02 -1.46 -22.90
CA TYR A 91 25.75 -1.10 -21.66
C TYR A 91 25.01 -0.13 -20.80
N VAL A 92 24.59 0.98 -21.40
CA VAL A 92 23.86 2.01 -20.66
C VAL A 92 22.56 1.47 -20.05
N TYR A 93 21.79 0.72 -20.82
CA TYR A 93 20.53 0.18 -20.30
C TYR A 93 20.82 -0.69 -19.09
N SER A 94 21.84 -1.53 -19.21
CA SER A 94 22.20 -2.45 -18.17
C SER A 94 22.50 -1.77 -16.85
N PHE A 95 23.37 -0.74 -16.85
CA PHE A 95 23.69 -0.05 -15.58
C PHE A 95 22.63 0.94 -15.09
N VAL A 97 19.32 0.24 -15.36
CA VAL A 97 18.16 -0.61 -15.01
C VAL A 97 18.58 -1.68 -13.99
N THR A 98 19.39 -2.65 -14.42
CA THR A 98 19.79 -3.77 -13.56
C THR A 98 20.54 -3.35 -12.29
N ASP A 99 21.49 -2.44 -12.44
CA ASP A 99 22.30 -1.99 -11.31
C ASP A 99 21.51 -1.15 -10.29
N VAL A 100 20.40 -0.54 -10.71
CA VAL A 100 19.54 0.21 -9.81
C VAL A 100 18.58 -0.74 -9.10
N TYR A 101 17.88 -1.58 -9.87
CA TYR A 101 16.87 -2.51 -9.32
C TYR A 101 17.38 -3.60 -8.42
N SER A 102 18.58 -4.12 -8.67
CA SER A 102 19.12 -5.23 -7.85
C SER A 102 19.23 -4.88 -6.36
N PRO A 103 20.01 -3.82 -6.02
CA PRO A 103 20.08 -3.46 -4.60
C PRO A 103 18.71 -3.00 -4.03
N TRP A 104 17.91 -2.29 -4.81
CA TRP A 104 16.62 -1.83 -4.34
C TRP A 104 15.68 -3.03 -3.94
N GLN A 106 16.49 -6.01 -2.97
CA GLN A 106 16.97 -6.67 -1.76
C GLN A 106 16.59 -5.86 -0.52
N ILE A 107 16.63 -4.53 -0.63
CA ILE A 107 16.24 -3.66 0.48
C ILE A 107 14.72 -3.77 0.71
N LYS A 108 13.97 -3.79 -0.39
CA LYS A 108 12.53 -3.95 -0.31
C LYS A 108 12.17 -5.29 0.36
N ARG A 109 12.78 -6.37 -0.09
CA ARG A 109 12.52 -7.70 0.48
C ARG A 109 12.73 -7.73 2.00
N ILE A 110 13.87 -7.21 2.45
CA ILE A 110 14.22 -7.23 3.89
C ILE A 110 13.39 -6.24 4.73
N SER A 111 13.17 -5.04 4.18
CA SER A 111 12.45 -3.99 4.91
C SER A 111 10.92 -4.08 4.85
N GLN A 112 10.38 -4.78 3.86
CA GLN A 112 8.93 -4.85 3.65
C GLN A 112 8.33 -6.24 3.63
N ASP A 113 9.09 -7.26 3.19
CA ASP A 113 8.53 -8.62 3.00
C ASP A 113 9.04 -9.70 3.96
N GLU A 114 9.70 -9.29 5.06
CA GLU A 114 10.26 -10.24 6.04
C GLU A 114 10.19 -9.68 7.45
N GLY A 115 9.45 -10.36 8.31
CA GLY A 115 9.31 -9.95 9.70
C GLY A 115 8.62 -8.61 9.85
N THR A 116 9.02 -7.84 10.86
CA THR A 116 8.47 -6.52 11.10
C THR A 116 8.93 -5.57 9.97
N ARG A 117 7.99 -4.82 9.38
CA ARG A 117 8.34 -3.88 8.35
C ARG A 117 9.14 -2.72 8.91
N ASN A 118 10.04 -2.21 8.10
CA ASN A 118 10.77 -1.02 8.42
C ASN A 118 10.52 -0.01 7.29
N ASP A 119 9.45 0.75 7.46
CA ASP A 119 9.01 1.69 6.43
C ASP A 119 9.95 2.84 6.17
N GLU A 120 10.62 3.34 7.21
CA GLU A 120 11.55 4.45 7.00
C GLU A 120 12.71 4.05 6.07
N ILE A 121 13.21 2.82 6.23
CA ILE A 121 14.29 2.31 5.37
C ILE A 121 13.80 2.14 3.93
N TYR A 122 12.54 1.70 3.77
CA TYR A 122 11.98 1.55 2.44
C TYR A 122 11.73 2.92 1.79
N ALA A 123 11.26 3.89 2.58
CA ALA A 123 11.05 5.27 2.08
C ALA A 123 12.37 5.87 1.56
N LEU A 124 13.45 5.61 2.26
CA LEU A 124 14.77 6.07 1.86
C LEU A 124 15.17 5.44 0.53
N ALA A 125 15.02 4.13 0.43
CA ALA A 125 15.36 3.39 -0.77
C ALA A 125 14.53 3.85 -1.98
N GLN A 126 13.24 4.13 -1.73
CA GLN A 126 12.33 4.65 -2.75
C GLN A 126 12.79 6.01 -3.30
N ILE A 127 13.22 6.91 -2.40
CA ILE A 127 13.71 8.22 -2.81
C ILE A 127 14.94 8.07 -3.69
N ILE A 128 15.86 7.18 -3.29
CA ILE A 128 17.09 6.95 -4.06
C ILE A 128 16.78 6.28 -5.42
N LYS A 129 15.85 5.30 -5.41
CA LYS A 129 15.41 4.61 -6.64
C LYS A 129 14.88 5.63 -7.70
N ILE A 130 14.03 6.53 -7.27
CA ILE A 130 13.47 7.56 -8.16
C ILE A 130 14.57 8.55 -8.63
N ALA A 131 15.54 8.82 -7.76
CA ALA A 131 16.68 9.68 -8.13
C ALA A 131 17.46 9.05 -9.30
N ALA A 132 17.51 7.72 -9.34
CA ALA A 132 18.18 6.99 -10.40
C ALA A 132 17.26 6.78 -11.60
N LEU A 133 16.08 6.24 -11.34
CA LEU A 133 15.19 5.86 -12.42
C LEU A 133 14.53 6.99 -13.21
N HIS A 134 14.42 8.19 -12.65
CA HIS A 134 13.85 9.29 -13.45
C HIS A 134 14.83 9.61 -14.62
N ARG A 135 16.12 9.39 -14.39
CA ARG A 135 17.12 9.60 -15.43
CA ARG A 135 17.14 9.58 -15.43
C ARG A 135 16.96 8.50 -16.49
N THR A 136 16.65 7.28 -16.04
CA THR A 136 16.48 6.12 -16.95
C THR A 136 15.28 6.28 -17.88
N THR A 137 14.13 6.65 -17.35
CA THR A 137 12.96 6.88 -18.19
C THR A 137 13.14 8.14 -19.05
N ASP A 138 13.80 9.17 -18.52
CA ASP A 138 14.12 10.37 -19.31
C ASP A 138 15.02 10.01 -20.51
N PHE A 140 15.24 6.72 -22.00
CA PHE A 140 14.61 5.73 -22.92
C PHE A 140 13.10 5.92 -23.22
N GLY A 141 12.38 6.53 -22.29
CA GLY A 141 10.93 6.69 -22.42
C GLY A 141 10.29 5.62 -21.57
N PRO A 142 9.38 4.83 -22.14
CA PRO A 142 8.79 3.74 -21.35
C PRO A 142 9.84 2.76 -20.85
N ILE A 143 9.67 2.30 -19.61
CA ILE A 143 10.61 1.38 -18.98
C ILE A 143 9.86 0.36 -18.11
N PRO A 144 10.49 -0.80 -17.83
CA PRO A 144 9.90 -1.72 -16.86
C PRO A 144 9.90 -1.07 -15.51
N TYR A 145 8.75 -1.09 -14.83
CA TYR A 145 8.63 -0.42 -13.56
C TYR A 145 7.70 -1.14 -12.59
N SER A 146 6.40 -0.92 -12.71
CA SER A 146 5.43 -1.52 -11.79
C SER A 146 5.38 -3.04 -11.80
N GLN A 147 5.79 -3.67 -12.90
CA GLN A 147 5.78 -5.14 -12.95
C GLN A 147 7.13 -5.77 -12.59
N VAL A 148 8.13 -4.96 -12.25
CA VAL A 148 9.43 -5.52 -11.89
C VAL A 148 9.35 -6.25 -10.54
N GLY A 149 10.00 -7.42 -10.46
CA GLY A 149 10.06 -8.21 -9.22
C GLY A 149 8.80 -8.99 -8.86
N LYS A 150 7.90 -9.22 -9.83
CA LYS A 150 6.67 -10.00 -9.57
C LYS A 150 6.79 -11.47 -10.06
N GLY A 151 8.01 -12.01 -10.03
CA GLY A 151 8.26 -13.42 -10.37
C GLY A 151 8.40 -13.77 -11.84
N SER A 152 8.34 -12.77 -12.72
CA SER A 152 8.47 -13.02 -14.16
C SER A 152 9.78 -12.44 -14.71
N PHE A 153 10.45 -13.24 -15.52
CA PHE A 153 11.71 -12.84 -16.15
C PHE A 153 11.42 -11.79 -17.23
N LYS A 154 10.41 -12.08 -18.08
CA LYS A 154 9.97 -11.15 -19.11
C LYS A 154 9.03 -10.15 -18.45
N VAL A 155 9.46 -8.90 -18.36
CA VAL A 155 8.71 -7.86 -17.67
C VAL A 155 8.07 -6.84 -18.62
N ALA A 156 6.80 -6.54 -18.37
CA ALA A 156 6.05 -5.57 -19.16
C ALA A 156 6.55 -4.14 -18.85
N TYR A 157 6.41 -3.28 -19.84
CA TYR A 157 6.83 -1.91 -19.77
C TYR A 157 5.68 -1.00 -19.35
N ASP A 158 5.98 -0.01 -18.54
CA ASP A 158 5.02 1.03 -18.17
C ASP A 158 5.24 2.24 -19.10
N SER A 159 4.16 2.99 -19.36
CA SER A 159 4.26 4.22 -20.11
C SER A 159 5.03 5.26 -19.25
N GLN A 160 5.78 6.17 -19.90
CA GLN A 160 6.50 7.20 -19.16
C GLN A 160 5.52 8.02 -18.31
N GLU A 161 4.34 8.30 -18.87
CA GLU A 161 3.32 9.02 -18.14
C GLU A 161 3.01 8.36 -16.80
N SER A 162 2.72 7.06 -16.82
CA SER A 162 2.37 6.35 -15.58
C SER A 162 3.57 6.30 -14.62
N VAL A 163 4.77 6.11 -15.16
CA VAL A 163 5.98 6.12 -14.32
C VAL A 163 6.11 7.47 -13.59
N TYR A 164 5.97 8.59 -14.33
CA TYR A 164 6.04 9.94 -13.69
C TYR A 164 4.96 10.18 -12.64
N ARG A 165 3.74 9.75 -12.93
CA ARG A 165 2.64 9.87 -11.96
C ARG A 165 2.95 9.07 -10.72
N SER A 166 3.54 7.90 -10.92
CA SER A 166 3.92 7.05 -9.80
C SER A 166 5.06 7.70 -9.00
N PHE A 167 6.08 8.22 -9.69
CA PHE A 167 7.20 8.93 -9.01
C PHE A 167 6.67 9.98 -8.04
N LEU A 168 5.77 10.82 -8.54
CA LEU A 168 5.24 11.94 -7.80
C LEU A 168 4.48 11.48 -6.56
N LYS A 169 3.64 10.44 -6.73
CA LYS A 169 2.88 9.84 -5.63
C LYS A 169 3.82 9.14 -4.60
N GLU A 170 4.80 8.37 -5.10
CA GLU A 170 5.76 7.65 -4.22
C GLU A 170 6.62 8.61 -3.38
N LEU A 171 7.08 9.70 -3.99
CA LEU A 171 7.87 10.72 -3.26
C LEU A 171 7.05 11.35 -2.14
N GLU A 172 5.80 11.70 -2.43
CA GLU A 172 4.90 12.27 -1.41
C GLU A 172 4.70 11.27 -0.25
N GLU A 173 4.46 10.01 -0.60
CA GLU A 173 4.28 8.96 0.40
C GLU A 173 5.57 8.75 1.22
N ALA A 174 6.70 8.80 0.54
CA ALA A 174 8.00 8.62 1.16
C ALA A 174 8.26 9.72 2.20
N VAL A 175 7.94 10.96 1.82
CA VAL A 175 8.14 12.11 2.71
C VAL A 175 7.24 12.02 3.94
N GLN A 176 6.01 11.55 3.76
CA GLN A 176 5.08 11.38 4.88
C GLN A 176 5.62 10.36 5.88
N THR A 177 6.11 9.24 5.37
CA THR A 177 6.68 8.17 6.21
C THR A 177 7.85 8.69 7.02
N LEU A 178 8.74 9.44 6.36
CA LEU A 178 9.90 10.03 7.05
C LEU A 178 9.49 11.13 8.05
N ASP A 179 8.43 11.88 7.73
CA ASP A 179 7.94 12.95 8.61
C ASP A 179 7.37 12.34 9.90
N ASP A 180 6.67 11.21 9.76
CA ASP A 180 6.12 10.49 10.92
C ASP A 180 7.27 9.89 11.73
N TYR A 181 8.27 9.34 11.02
CA TYR A 181 9.44 8.74 11.67
C TYR A 181 10.33 9.80 12.36
N SER A 182 10.31 11.04 11.86
CA SER A 182 11.15 12.11 12.44
C SER A 182 10.80 12.38 13.90
N ASN A 183 9.54 12.09 14.27
CA ASN A 183 9.10 12.22 15.66
C ASN A 183 9.84 11.19 16.55
N LYS A 184 10.15 10.02 15.98
CA LYS A 184 10.83 8.95 16.70
C LYS A 184 12.36 9.13 16.70
N SER A 185 12.94 9.36 15.53
CA SER A 185 14.40 9.51 15.39
C SER A 185 14.76 10.45 14.25
N LYS A 186 15.91 11.11 14.38
CA LYS A 186 16.40 12.07 13.37
C LYS A 186 17.32 11.42 12.32
N GLU A 187 17.61 10.11 12.50
CA GLU A 187 18.55 9.39 11.62
C GLU A 187 18.02 8.04 11.11
N VAL A 188 18.40 7.69 9.88
CA VAL A 188 18.04 6.38 9.28
C VAL A 188 19.29 5.81 8.58
N LEU A 189 19.74 4.62 9.02
CA LEU A 189 20.97 3.96 8.48
C LEU A 189 22.16 4.94 8.32
N PRO A 190 22.51 5.65 9.42
CA PRO A 190 23.54 6.67 9.37
C PRO A 190 24.94 6.17 9.02
N ALA A 191 25.28 4.97 9.48
CA ALA A 191 26.60 4.39 9.21
C ALA A 191 26.78 3.94 7.76
N PHE A 192 25.69 3.83 7.00
CA PHE A 192 25.76 3.36 5.62
C PHE A 192 25.30 4.37 4.53
N ASP A 193 24.81 5.53 4.94
CA ASP A 193 24.32 6.53 3.99
C ASP A 193 25.41 7.55 3.61
N ILE A 194 25.88 7.45 2.38
CA ILE A 194 26.97 8.32 1.88
C ILE A 194 26.54 9.77 1.67
N VAL A 195 25.28 9.97 1.27
CA VAL A 195 24.76 11.30 0.90
C VAL A 195 24.60 12.27 2.08
N TYR A 196 23.86 11.86 3.11
CA TYR A 196 23.56 12.72 4.26
C TYR A 196 23.87 12.10 5.63
N ASN A 197 24.59 10.98 5.67
CA ASN A 197 24.91 10.29 6.94
C ASN A 197 23.64 9.98 7.76
N GLY A 198 22.55 9.65 7.06
CA GLY A 198 21.29 9.29 7.70
C GLY A 198 20.37 10.42 8.13
N ASP A 199 20.74 11.67 7.86
CA ASP A 199 19.92 12.80 8.31
C ASP A 199 18.51 12.79 7.64
N VAL A 200 17.50 12.48 8.45
CA VAL A 200 16.10 12.36 7.96
C VAL A 200 15.56 13.68 7.38
N ASN A 201 15.87 14.80 8.02
CA ASN A 201 15.42 16.11 7.54
C ASN A 201 15.99 16.45 6.15
N LYS A 202 17.27 16.13 5.92
CA LYS A 202 17.90 16.40 4.64
C LYS A 202 17.31 15.54 3.53
N TRP A 203 16.91 14.32 3.87
CA TRP A 203 16.29 13.45 2.87
C TRP A 203 14.92 13.95 2.47
N ARG A 205 13.99 17.07 2.48
CA ARG A 205 14.25 18.25 1.63
C ARG A 205 14.62 17.85 0.21
N PHE A 206 15.46 16.83 0.06
CA PHE A 206 15.83 16.35 -1.27
C PHE A 206 14.61 15.79 -2.02
N ALA A 207 13.85 14.94 -1.33
CA ALA A 207 12.63 14.35 -1.89
C ALA A 207 11.64 15.43 -2.37
N ASN A 208 11.48 16.48 -1.56
CA ASN A 208 10.61 17.63 -1.94
C ASN A 208 11.18 18.36 -3.15
N SER A 209 12.50 18.53 -3.16
CA SER A 209 13.18 19.21 -4.26
C SER A 209 13.07 18.40 -5.56
N LEU A 210 13.29 17.09 -5.46
CA LEU A 210 13.14 16.19 -6.60
C LEU A 210 11.69 16.19 -7.11
N LEU A 212 9.65 18.64 -7.08
CA LEU A 212 9.54 19.91 -7.84
C LEU A 212 10.15 19.78 -9.24
N ARG A 213 11.32 19.16 -9.34
CA ARG A 213 11.94 18.95 -10.64
C ARG A 213 11.03 18.16 -11.54
N LEU A 214 10.51 17.06 -11.01
CA LEU A 214 9.68 16.15 -11.80
C LEU A 214 8.30 16.74 -12.12
N ALA A 215 7.82 17.67 -11.30
CA ALA A 215 6.54 18.35 -11.54
C ALA A 215 6.69 19.37 -12.67
N ILE A 216 7.74 20.19 -12.62
CA ILE A 216 8.00 21.14 -13.68
C ILE A 216 8.18 20.38 -14.99
N ARG A 217 8.88 19.25 -14.96
CA ARG A 217 9.12 18.47 -16.18
C ARG A 217 7.85 18.10 -16.97
N VAL A 218 6.76 17.82 -16.27
CA VAL A 218 5.54 17.38 -16.93
C VAL A 218 4.59 18.53 -17.38
N ARG A 219 5.00 19.81 -17.19
CA ARG A 219 4.13 21.03 -17.52
C ARG A 219 3.44 20.98 -18.87
N PHE A 220 4.19 20.63 -19.90
CA PHE A 220 3.68 20.66 -21.26
C PHE A 220 2.84 19.44 -21.62
N ALA A 221 3.05 18.34 -20.91
CA ALA A 221 2.26 17.12 -21.10
C ALA A 221 0.96 17.24 -20.30
N ASP A 222 1.04 17.74 -19.08
CA ASP A 222 -0.11 17.88 -18.21
C ASP A 222 0.13 18.98 -17.17
N ALA A 223 -0.36 20.19 -17.46
CA ALA A 223 -0.14 21.34 -16.58
C ALA A 223 -0.79 21.17 -15.21
N GLY A 224 -1.91 20.44 -15.18
CA GLY A 224 -2.63 20.17 -13.93
C GLY A 224 -1.82 19.32 -12.96
N LEU A 225 -1.15 18.30 -13.49
CA LEU A 225 -0.29 17.43 -12.69
C LEU A 225 0.90 18.25 -12.18
N ALA A 226 1.46 19.06 -13.07
CA ALA A 226 2.61 19.91 -12.72
C ALA A 226 2.25 20.88 -11.59
N LYS A 227 1.08 21.49 -11.68
CA LYS A 227 0.64 22.44 -10.66
C LYS A 227 0.46 21.75 -9.31
N GLU A 228 -0.24 20.62 -9.32
CA GLU A 228 -0.51 19.87 -8.11
C GLU A 228 0.74 19.59 -7.28
N TYR A 229 1.75 18.98 -7.91
CA TYR A 229 2.97 18.57 -7.20
C TYR A 229 4.03 19.65 -6.99
N ALA A 230 4.10 20.62 -7.90
CA ALA A 230 5.03 21.72 -7.72
C ALA A 230 4.60 22.49 -6.46
N GLU A 231 3.29 22.76 -6.35
CA GLU A 231 2.73 23.45 -5.17
C GLU A 231 2.85 22.62 -3.88
N LYS A 232 2.62 21.29 -3.96
CA LYS A 232 2.82 20.41 -2.79
C LYS A 232 4.27 20.48 -2.31
N ALA A 233 5.22 20.44 -3.27
CA ALA A 233 6.65 20.46 -2.92
C ALA A 233 7.09 21.75 -2.23
N VAL A 234 6.67 22.90 -2.75
CA VAL A 234 7.08 24.20 -2.20
C VAL A 234 6.32 24.57 -0.91
N LYS A 235 5.17 23.93 -0.68
CA LYS A 235 4.38 24.20 0.51
C LYS A 235 4.60 23.18 1.64
N HIS A 236 5.34 22.10 1.37
CA HIS A 236 5.56 21.09 2.42
C HIS A 236 6.41 21.68 3.56
N PRO A 237 5.97 21.51 4.83
CA PRO A 237 6.67 22.13 5.98
C PRO A 237 8.12 21.70 6.24
N ALA A 238 8.53 20.55 5.71
CA ALA A 238 9.91 20.06 5.90
C ALA A 238 10.91 20.89 5.09
N GLY A 239 10.45 21.56 4.04
CA GLY A 239 11.29 22.46 3.24
C GLY A 239 11.93 21.85 2.00
N LEU A 240 12.81 22.63 1.36
CA LEU A 240 13.51 22.26 0.15
C LEU A 240 15.01 22.44 0.34
N ILE A 241 15.80 22.00 -0.62
CA ILE A 241 17.25 22.23 -0.58
C ILE A 241 17.43 23.74 -0.87
N ASN A 242 17.70 24.51 0.18
CA ASN A 242 17.83 25.98 0.07
C ASN A 242 19.17 26.57 0.54
N SER A 243 20.20 25.73 0.58
CA SER A 243 21.56 26.16 0.90
C SER A 243 22.50 25.08 0.43
N LYS A 244 23.73 25.45 0.12
CA LYS A 244 24.71 24.49 -0.39
C LYS A 244 25.04 23.36 0.58
N GLU A 245 24.90 23.61 1.89
CA GLU A 245 25.13 22.58 2.92
C GLU A 245 24.07 21.45 2.86
N LEU A 246 22.94 21.73 2.22
CA LEU A 246 21.84 20.76 2.08
C LEU A 246 21.83 20.01 0.72
N ALA A 247 22.77 20.36 -0.17
CA ALA A 247 22.80 19.72 -1.50
C ALA A 247 23.00 18.21 -1.43
N ALA A 248 22.35 17.50 -2.36
CA ALA A 248 22.43 16.07 -2.43
C ALA A 248 23.65 15.74 -3.26
N GLN A 249 24.68 15.19 -2.62
CA GLN A 249 25.92 14.90 -3.34
C GLN A 249 26.63 13.62 -2.87
N GLY A 251 30.28 12.46 -2.19
CA GLY A 251 31.65 12.88 -1.94
C GLY A 251 32.18 12.14 -0.74
N LYS A 252 32.11 12.76 0.43
CA LYS A 252 32.51 12.10 1.68
C LYS A 252 31.27 11.82 2.47
N GLY A 253 31.15 10.58 2.95
CA GLY A 253 30.02 10.17 3.75
C GLY A 253 30.11 8.73 4.16
N ALA A 254 29.55 8.41 5.32
CA ALA A 254 29.53 7.05 5.86
C ALA A 254 30.94 6.45 5.93
N GLY A 255 31.92 7.29 6.24
CA GLY A 255 33.32 6.86 6.34
C GLY A 255 34.01 6.57 5.00
N LEU A 256 33.31 6.78 3.89
CA LEU A 256 33.86 6.51 2.56
C LEU A 256 34.20 7.80 1.84
N GLN A 257 35.01 7.66 0.80
CA GLN A 257 35.40 8.79 -0.04
C GLN A 257 35.16 8.42 -1.50
N LYS A 259 35.24 8.99 -5.57
CA LYS A 259 36.24 9.56 -6.49
C LYS A 259 35.57 10.09 -7.75
N ASN A 260 35.77 11.38 -8.01
CA ASN A 260 35.15 12.03 -9.13
C ASN A 260 35.55 11.38 -10.46
N PRO A 261 34.56 10.81 -11.17
CA PRO A 261 34.90 10.13 -12.44
C PRO A 261 35.38 11.07 -13.57
N LEU A 262 34.95 12.34 -13.53
CA LEU A 262 35.34 13.31 -14.54
C LEU A 262 36.85 13.63 -14.46
N LYS A 263 37.41 13.59 -13.24
CA LYS A 263 38.83 13.80 -13.03
C LYS A 263 39.63 12.68 -13.73
N VAL A 264 39.13 11.45 -13.62
CA VAL A 264 39.78 10.29 -14.24
C VAL A 264 39.70 10.37 -15.77
N ILE A 265 38.53 10.72 -16.28
CA ILE A 265 38.34 10.92 -17.73
C ILE A 265 39.22 12.06 -18.24
N ASN A 266 39.36 13.10 -17.44
CA ASN A 266 40.17 14.24 -17.83
C ASN A 266 41.70 13.96 -17.79
N GLU A 267 42.20 13.55 -16.64
CA GLU A 267 43.65 13.35 -16.46
C GLU A 267 44.18 12.02 -16.97
N GLU A 268 43.56 10.91 -16.58
CA GLU A 268 44.07 9.60 -16.98
C GLU A 268 43.73 9.25 -18.43
N TYR A 269 42.50 9.52 -18.88
CA TYR A 269 42.12 9.16 -20.27
C TYR A 269 42.37 10.27 -21.28
N ASN A 270 42.55 11.51 -20.81
CA ASN A 270 42.76 12.66 -21.69
C ASN A 270 41.71 12.67 -22.80
N ASP A 271 40.47 12.40 -22.43
CA ASP A 271 39.39 12.22 -23.41
C ASP A 271 38.37 13.36 -23.50
N THR A 272 38.51 14.43 -22.73
CA THR A 272 37.46 15.47 -22.75
C THR A 272 37.97 16.91 -22.77
N ARG A 273 37.22 17.79 -23.46
CA ARG A 273 37.56 19.22 -23.60
C ARG A 273 36.33 20.10 -23.49
N GLY A 275 33.26 22.34 -24.22
CA GLY A 275 32.32 22.38 -25.33
C GLY A 275 32.11 23.77 -25.89
N ALA A 276 31.90 23.84 -27.21
CA ALA A 276 31.72 25.11 -27.93
C ALA A 276 30.47 25.88 -27.48
N THR A 277 29.39 25.15 -27.23
CA THR A 277 28.14 25.76 -26.81
C THR A 277 28.28 26.45 -25.44
N ILE A 278 28.72 25.74 -24.41
CA ILE A 278 28.86 26.38 -23.08
C ILE A 278 29.90 27.53 -23.12
N TYR A 279 30.95 27.37 -23.94
CA TYR A 279 31.92 28.44 -24.13
C TYR A 279 31.22 29.73 -24.61
N SER A 280 30.35 29.60 -25.60
CA SER A 280 29.64 30.78 -26.15
C SER A 280 28.96 31.59 -25.07
N TYR A 281 28.28 30.92 -24.15
CA TYR A 281 27.60 31.60 -23.08
C TYR A 281 28.57 32.13 -22.01
N LEU A 282 29.47 31.26 -21.52
CA LEU A 282 30.45 31.68 -20.48
C LEU A 282 31.35 32.80 -20.94
N ALA A 283 31.88 32.68 -22.15
CA ALA A 283 32.79 33.69 -22.70
C ALA A 283 32.04 34.97 -23.01
N GLY A 284 30.90 34.84 -23.68
CA GLY A 284 30.06 35.99 -24.03
C GLY A 284 29.65 36.83 -22.83
N TYR A 285 29.23 36.15 -21.75
CA TYR A 285 28.80 36.85 -20.53
C TYR A 285 29.95 37.23 -19.60
N ASN A 286 31.20 36.94 -19.99
CA ASN A 286 32.35 37.21 -19.13
C ASN A 286 32.06 36.62 -17.74
N ASP A 287 31.58 35.38 -17.77
CA ASP A 287 31.11 34.70 -16.58
C ASP A 287 32.27 34.25 -15.69
N ALA A 288 32.24 34.72 -14.43
CA ALA A 288 33.30 34.38 -13.45
C ALA A 288 33.36 32.88 -13.12
N ARG A 289 32.26 32.15 -13.35
CA ARG A 289 32.25 30.69 -13.14
C ARG A 289 33.07 29.92 -14.21
N ALA A 290 33.36 30.57 -15.34
CA ALA A 290 34.11 29.93 -16.41
C ALA A 290 35.43 29.37 -15.89
N ALA A 291 36.15 30.18 -15.11
CA ALA A 291 37.45 29.80 -14.55
C ALA A 291 37.35 28.78 -13.40
N VAL A 292 36.16 28.65 -12.82
CA VAL A 292 35.92 27.62 -11.80
C VAL A 292 35.62 26.29 -12.50
N TYR A 293 34.80 26.35 -13.55
CA TYR A 293 34.41 25.16 -14.29
C TYR A 293 35.49 24.58 -15.19
N PHE A 294 36.30 25.46 -15.79
CA PHE A 294 37.36 25.03 -16.70
C PHE A 294 38.69 25.73 -16.39
N VAL A 295 39.79 25.07 -16.72
CA VAL A 295 41.13 25.65 -16.50
C VAL A 295 41.40 26.71 -17.57
N LYS A 296 41.35 27.98 -17.17
CA LYS A 296 41.48 29.10 -18.11
C LYS A 296 42.87 29.30 -18.71
N ASN A 297 43.91 29.28 -17.86
CA ASN A 297 45.29 29.55 -18.33
C ASN A 297 45.33 30.88 -19.15
N ASN A 298 45.85 30.85 -20.39
CA ASN A 298 45.92 32.06 -21.25
C ASN A 298 44.57 32.53 -21.74
N GLY A 299 43.65 31.58 -21.91
CA GLY A 299 42.31 31.88 -22.39
C GLY A 299 41.63 30.59 -22.78
N PHE A 300 40.32 30.66 -23.01
CA PHE A 300 39.57 29.48 -23.33
C PHE A 300 39.64 29.11 -24.80
N LYS A 301 39.71 27.80 -25.06
CA LYS A 301 39.69 27.22 -26.40
C LYS A 301 38.79 25.99 -26.31
N ALA A 302 37.64 26.06 -26.98
CA ALA A 302 36.64 25.01 -26.90
C ALA A 302 36.56 24.18 -28.18
N VAL A 303 35.98 23.00 -28.03
CA VAL A 303 35.85 22.05 -29.11
C VAL A 303 34.38 21.86 -29.46
N ARG A 304 34.10 21.81 -30.75
CA ARG A 304 32.76 21.63 -31.20
C ARG A 304 32.40 20.15 -31.23
N CYS A 305 31.15 19.85 -30.89
CA CYS A 305 30.68 18.49 -30.83
C CYS A 305 30.22 18.03 -32.21
N GLY A 306 30.36 16.74 -32.49
CA GLY A 306 29.93 16.17 -33.78
C GLY A 306 30.86 16.58 -34.90
N ILE A 307 32.14 16.23 -34.73
CA ILE A 307 33.15 16.55 -35.72
C ILE A 307 33.99 15.31 -36.04
N ALA A 308 34.77 15.41 -37.11
CA ALA A 308 35.63 14.34 -37.56
C ALA A 308 36.80 14.10 -36.62
N LYS A 309 37.38 12.90 -36.72
CA LYS A 309 38.62 12.55 -36.04
C LYS A 309 39.66 13.65 -36.36
N SER A 310 40.37 14.12 -35.33
CA SER A 310 41.32 15.24 -35.47
C SER A 310 42.73 14.98 -34.90
N GLY A 311 42.99 13.77 -34.43
CA GLY A 311 44.30 13.43 -33.88
C GLY A 311 44.67 14.29 -32.68
N ASP A 312 45.81 14.99 -32.78
CA ASP A 312 46.31 15.85 -31.70
C ASP A 312 45.86 17.33 -31.81
N ALA A 313 44.94 17.65 -32.73
CA ALA A 313 44.49 19.05 -32.96
C ALA A 313 44.04 19.81 -31.71
N TYR A 314 43.30 19.13 -30.83
CA TYR A 314 42.73 19.77 -29.63
C TYR A 314 43.42 19.43 -28.30
N ASN A 315 44.67 18.95 -28.36
CA ASN A 315 45.42 18.60 -27.13
C ASN A 315 45.65 19.80 -26.20
N GLY A 316 45.96 20.97 -26.78
CA GLY A 316 46.16 22.18 -26.00
C GLY A 316 44.90 22.97 -25.67
N PHE A 317 43.73 22.45 -26.02
CA PHE A 317 42.46 23.14 -25.75
C PHE A 317 42.05 22.98 -24.29
N THR A 318 41.04 23.74 -23.88
CA THR A 318 40.63 23.83 -22.47
C THR A 318 40.04 22.52 -21.89
N ARG A 319 40.53 22.17 -20.69
CA ARG A 319 40.08 20.98 -19.95
C ARG A 319 39.19 21.41 -18.79
N PRO A 320 38.33 20.49 -18.30
CA PRO A 320 37.53 20.83 -17.13
C PRO A 320 38.42 20.99 -15.90
N ASN A 321 38.01 21.86 -14.98
CA ASN A 321 38.73 22.11 -13.74
C ASN A 321 38.08 21.24 -12.67
N VAL A 322 38.64 20.06 -12.46
CA VAL A 322 38.08 19.11 -11.52
C VAL A 322 39.18 18.31 -10.80
N HIS A 323 38.97 18.08 -9.51
CA HIS A 323 39.91 17.34 -8.67
C HIS A 323 39.32 16.00 -8.20
N GLU A 324 40.24 15.12 -7.82
CA GLU A 324 39.95 13.75 -7.41
C GLU A 324 38.77 13.60 -6.44
N ASP A 325 38.72 14.42 -5.40
CA ASP A 325 37.69 14.31 -4.38
C ASP A 325 36.57 15.37 -4.51
N ASP A 326 36.39 15.94 -5.73
CA ASP A 326 35.30 16.91 -5.96
C ASP A 326 33.98 16.17 -5.97
N PRO A 327 33.03 16.60 -5.12
CA PRO A 327 31.72 15.96 -5.07
C PRO A 327 30.96 15.97 -6.40
N LEU A 328 30.14 14.93 -6.59
CA LEU A 328 29.28 14.81 -7.74
C LEU A 328 27.88 15.07 -7.19
N TYR A 329 27.17 16.03 -7.78
CA TYR A 329 25.85 16.46 -7.24
C TYR A 329 24.64 15.89 -7.93
N TRP A 330 23.76 15.26 -7.16
CA TRP A 330 22.49 14.85 -7.69
C TRP A 330 21.65 16.13 -7.88
N LYS A 332 21.76 20.57 -6.75
CA LYS A 332 22.29 21.77 -6.08
C LYS A 332 21.12 22.65 -5.65
N ALA A 333 21.36 23.52 -4.66
CA ALA A 333 20.33 24.45 -4.19
C ALA A 333 19.88 25.44 -5.29
N SER A 334 20.83 25.89 -6.11
CA SER A 334 20.52 26.85 -7.19
C SER A 334 19.45 26.34 -8.16
N GLU A 335 19.45 25.03 -8.41
CA GLU A 335 18.46 24.42 -9.31
C GLU A 335 17.03 24.63 -8.80
N VAL A 336 16.83 24.49 -7.49
CA VAL A 336 15.50 24.68 -6.89
C VAL A 336 14.94 26.08 -7.20
N PHE A 338 15.67 28.06 -9.83
CA PHE A 338 15.29 28.15 -11.23
C PHE A 338 14.03 27.33 -11.56
N LEU A 339 13.80 26.27 -10.77
CA LEU A 339 12.56 25.47 -10.92
C LEU A 339 11.36 26.30 -10.43
N LYS A 340 11.53 26.99 -9.30
CA LYS A 340 10.48 27.86 -8.78
C LYS A 340 10.26 29.07 -9.69
N ALA A 341 11.34 29.58 -10.29
CA ALA A 341 11.23 30.69 -11.26
C ALA A 341 10.33 30.27 -12.42
N GLU A 342 10.55 29.07 -12.94
CA GLU A 342 9.72 28.54 -14.03
C GLU A 342 8.29 28.22 -13.56
N GLY A 343 8.16 27.65 -12.37
CA GLY A 343 6.84 27.38 -11.79
C GLY A 343 6.05 28.66 -11.61
N ALA A 344 6.77 29.75 -11.31
CA ALA A 344 6.15 31.07 -11.15
C ALA A 344 5.68 31.55 -12.51
N LEU A 345 6.56 31.47 -13.50
CA LEU A 345 6.23 31.82 -14.88
C LEU A 345 5.02 31.01 -15.40
N ALA A 346 4.92 29.74 -14.96
CA ALA A 346 3.84 28.85 -15.38
C ALA A 346 2.47 29.17 -14.72
N GLY A 347 2.47 30.06 -13.72
CA GLY A 347 1.25 30.42 -13.03
C GLY A 347 0.99 29.63 -11.74
N PHE A 348 1.99 28.85 -11.28
CA PHE A 348 1.83 28.07 -10.02
C PHE A 348 2.13 28.96 -8.82
N ASP A 349 1.60 28.57 -7.66
CA ASP A 349 1.77 29.32 -6.42
C ASP A 349 3.12 28.97 -5.78
N GLY A 351 5.20 31.33 -4.27
CA GLY A 351 5.55 32.27 -3.20
C GLY A 351 6.60 33.29 -3.62
N GLY A 352 6.56 33.71 -4.88
CA GLY A 352 7.49 34.71 -5.40
C GLY A 352 7.36 34.86 -6.90
N SER A 353 7.91 35.95 -7.42
CA SER A 353 7.88 36.21 -8.86
C SER A 353 9.00 35.42 -9.55
N ALA A 354 8.85 35.22 -10.86
CA ALA A 354 9.85 34.52 -11.64
C ALA A 354 11.20 35.26 -11.58
N GLY A 355 11.16 36.59 -11.69
CA GLY A 355 12.36 37.43 -11.64
C GLY A 355 13.17 37.35 -10.35
N ASP A 356 12.48 37.30 -9.21
CA ASP A 356 13.16 37.21 -7.90
C ASP A 356 13.86 35.87 -7.69
N PHE A 357 13.21 34.78 -8.09
CA PHE A 357 13.85 33.45 -7.98
C PHE A 357 14.98 33.29 -8.97
N TYR A 358 14.84 33.92 -10.14
CA TYR A 358 15.88 33.92 -11.16
C TYR A 358 17.14 34.57 -10.62
N ASN A 359 17.00 35.79 -10.11
CA ASN A 359 18.14 36.52 -9.54
C ASN A 359 18.75 35.76 -8.35
N ALA A 360 17.90 35.20 -7.49
CA ALA A 360 18.36 34.40 -6.33
C ALA A 360 19.11 33.12 -6.79
N GLY A 361 18.65 32.51 -7.88
CA GLY A 361 19.31 31.35 -8.45
C GLY A 361 20.72 31.69 -8.89
N ILE A 362 20.87 32.85 -9.50
CA ILE A 362 22.19 33.31 -9.96
C ILE A 362 23.11 33.57 -8.76
N ARG A 363 22.58 34.22 -7.73
CA ARG A 363 23.37 34.50 -6.51
C ARG A 363 23.81 33.21 -5.85
N SER A 365 24.19 30.21 -7.26
CA SER A 365 25.18 29.52 -8.09
C SER A 365 26.59 30.09 -7.90
N PHE A 366 26.69 31.42 -7.80
CA PHE A 366 27.98 32.08 -7.55
C PHE A 366 28.52 31.68 -6.17
N SER A 367 27.64 31.65 -5.18
CA SER A 367 28.02 31.22 -3.83
C SER A 367 28.50 29.78 -3.83
N GLU A 368 27.73 28.92 -4.51
CA GLU A 368 28.06 27.49 -4.66
C GLU A 368 29.45 27.29 -5.28
N ASN A 369 29.83 28.21 -6.17
CA ASN A 369 31.14 28.13 -6.84
C ASN A 369 32.26 28.95 -6.16
N GLY A 370 32.03 29.37 -4.93
CA GLY A 370 33.02 30.11 -4.15
C GLY A 370 33.26 31.54 -4.61
N LEU A 371 32.34 32.09 -5.40
CA LEU A 371 32.48 33.45 -5.89
C LEU A 371 31.82 34.42 -4.91
N ASP A 372 32.31 35.66 -4.89
CA ASP A 372 31.77 36.67 -3.98
C ASP A 372 30.46 37.25 -4.51
N ASN A 373 29.64 37.79 -3.60
CA ASN A 373 28.32 38.31 -3.94
C ASN A 373 28.37 39.55 -4.84
N SER A 374 29.40 40.38 -4.66
CA SER A 374 29.56 41.58 -5.50
C SER A 374 29.64 41.20 -6.99
N SER A 375 30.37 40.12 -7.29
CA SER A 375 30.50 39.63 -8.66
C SER A 375 29.13 39.18 -9.18
N ALA A 376 28.38 38.47 -8.33
CA ALA A 376 27.03 37.98 -8.67
C ALA A 376 26.07 39.14 -9.01
N GLU A 377 26.09 40.19 -8.19
CA GLU A 377 25.21 41.35 -8.40
C GLU A 377 25.49 42.04 -9.72
N THR A 378 26.78 42.25 -10.02
CA THR A 378 27.19 42.88 -11.28
C THR A 378 26.76 42.04 -12.47
N TYR A 379 26.86 40.72 -12.33
CA TYR A 379 26.51 39.78 -13.39
C TYR A 379 25.00 39.82 -13.71
N LEU A 380 24.17 39.70 -12.69
CA LEU A 380 22.71 39.68 -12.89
C LEU A 380 22.12 41.04 -13.35
N LYS A 381 22.89 42.12 -13.25
CA LYS A 381 22.46 43.45 -13.74
C LYS A 381 22.92 43.67 -15.20
N ASP A 382 23.72 42.74 -15.73
CA ASP A 382 24.29 42.86 -17.07
C ASP A 382 23.22 42.67 -18.16
N SER A 383 22.92 43.74 -18.89
CA SER A 383 21.90 43.70 -19.95
C SER A 383 22.49 44.00 -21.34
N THR A 384 23.82 44.08 -21.44
CA THR A 384 24.49 44.41 -22.72
C THR A 384 25.23 43.21 -23.34
N ARG A 385 25.91 42.41 -22.51
CA ARG A 385 26.67 41.25 -23.01
C ARG A 385 25.79 40.13 -23.55
N LYS A 386 26.21 39.57 -24.69
CA LYS A 386 25.49 38.48 -25.35
C LYS A 386 26.43 37.31 -25.57
N PRO A 387 25.89 36.09 -25.83
CA PRO A 387 26.75 34.94 -26.14
C PRO A 387 27.73 35.24 -27.29
N ALA A 388 28.94 34.68 -27.17
CA ALA A 388 30.01 34.93 -28.13
C ALA A 388 29.98 34.01 -29.34
N ASN A 389 30.59 34.45 -30.43
CA ASN A 389 30.76 33.61 -31.60
C ASN A 389 31.85 32.60 -31.29
N TYR A 390 31.75 31.43 -31.89
CA TYR A 390 32.74 30.40 -31.66
C TYR A 390 33.77 30.36 -32.80
N THR A 391 35.03 30.51 -32.43
CA THR A 391 36.13 30.44 -33.37
C THR A 391 36.98 29.21 -33.01
N ASP A 392 37.27 28.39 -34.01
CA ASP A 392 38.14 27.23 -33.84
C ASP A 392 39.47 27.59 -34.49
N THR A 393 40.47 27.82 -33.65
CA THR A 393 41.77 28.26 -34.12
C THR A 393 42.52 27.16 -34.92
N SER A 394 42.15 25.90 -34.68
CA SER A 394 42.78 24.77 -35.41
C SER A 394 42.11 24.47 -36.76
N ASN A 395 40.82 24.80 -36.87
CA ASN A 395 40.04 24.49 -38.07
C ASN A 395 38.91 25.51 -38.24
N GLY A 396 39.19 26.56 -39.01
CA GLY A 396 38.23 27.65 -39.23
C GLY A 396 36.90 27.23 -39.83
N GLU A 397 36.90 26.09 -40.50
CA GLU A 397 35.68 25.57 -41.11
C GLU A 397 34.66 25.13 -40.04
N LEU A 398 35.12 24.92 -38.81
CA LEU A 398 34.25 24.54 -37.68
C LEU A 398 33.80 25.74 -36.84
N SER A 399 34.16 26.94 -37.25
CA SER A 399 33.71 28.14 -36.54
C SER A 399 32.20 28.34 -36.73
N ALA A 400 31.55 28.90 -35.71
CA ALA A 400 30.10 29.08 -35.74
C ALA A 400 29.67 30.35 -35.04
N ASN A 401 28.53 30.88 -35.45
CA ASN A 401 27.97 32.06 -34.84
C ASN A 401 27.33 31.67 -33.51
N ALA A 402 27.17 32.67 -32.63
CA ALA A 402 26.53 32.46 -31.35
C ALA A 402 25.12 31.89 -31.58
N PRO A 403 24.72 30.86 -30.79
CA PRO A 403 23.39 30.27 -31.00
C PRO A 403 22.23 31.09 -30.43
N SER A 404 22.54 32.13 -29.64
CA SER A 404 21.53 32.96 -29.03
C SER A 404 22.07 34.36 -28.77
N SER A 405 21.16 35.33 -28.64
CA SER A 405 21.55 36.70 -28.32
C SER A 405 20.88 37.17 -27.00
N ILE A 406 20.37 36.21 -26.22
CA ILE A 406 19.69 36.50 -24.97
C ILE A 406 20.69 37.09 -23.93
N THR A 407 20.27 38.17 -23.25
CA THR A 407 21.10 38.85 -22.23
C THR A 407 20.73 38.34 -20.83
N ILE A 408 21.54 38.68 -19.84
CA ILE A 408 21.36 38.15 -18.46
C ILE A 408 20.29 38.85 -17.65
N ARG A 409 20.37 40.17 -17.56
CA ARG A 409 19.46 40.95 -16.73
C ARG A 409 18.01 40.62 -17.03
N TRP A 410 17.25 40.31 -15.98
CA TRP A 410 15.86 39.96 -16.08
C TRP A 410 15.06 41.14 -16.59
N GLU A 411 14.06 40.86 -17.42
CA GLU A 411 13.19 41.89 -17.94
C GLU A 411 11.74 41.47 -17.75
N ASN A 412 11.01 42.23 -16.93
CA ASN A 412 9.61 41.92 -16.62
C ASN A 412 8.70 41.98 -17.85
N GLY A 413 9.04 42.85 -18.80
CA GLY A 413 8.27 43.02 -20.04
C GLY A 413 8.64 42.11 -21.21
N ALA A 414 9.55 41.17 -20.99
CA ALA A 414 9.96 40.24 -22.06
C ALA A 414 8.84 39.24 -22.36
N THR A 415 8.93 38.57 -23.51
CA THR A 415 7.92 37.58 -23.90
C THR A 415 8.07 36.38 -22.97
N GLU A 416 7.03 35.55 -22.91
CA GLU A 416 7.09 34.35 -22.05
C GLU A 416 8.23 33.41 -22.47
N GLU A 417 8.48 33.30 -23.77
CA GLU A 417 9.59 32.47 -24.28
C GLU A 417 10.96 33.04 -23.88
N GLU A 418 11.11 34.36 -23.96
CA GLU A 418 12.36 35.03 -23.55
C GLU A 418 12.62 34.85 -22.07
N LYS A 419 11.54 34.90 -21.27
CA LYS A 419 11.64 34.66 -19.85
C LYS A 419 12.10 33.22 -19.59
N LEU A 420 11.52 32.26 -20.32
CA LEU A 420 11.89 30.86 -20.18
C LEU A 420 13.33 30.64 -20.61
N GLU A 421 13.73 31.25 -21.74
CA GLU A 421 15.11 31.12 -22.23
C GLU A 421 16.14 31.54 -21.18
N ARG A 422 15.90 32.67 -20.54
CA ARG A 422 16.78 33.15 -19.47
C ARG A 422 16.85 32.18 -18.31
N ILE A 423 15.68 31.74 -17.83
CA ILE A 423 15.63 30.83 -16.68
C ILE A 423 16.42 29.53 -16.93
N ILE A 424 16.13 28.89 -18.07
CA ILE A 424 16.78 27.62 -18.43
C ILE A 424 18.26 27.79 -18.79
N THR A 425 18.61 28.92 -19.43
CA THR A 425 20.02 29.17 -19.78
C THR A 425 20.86 29.39 -18.50
N GLN A 426 20.30 30.11 -17.54
CA GLN A 426 20.98 30.33 -16.28
C GLN A 426 21.00 29.06 -15.42
N LYS A 427 19.92 28.29 -15.42
CA LYS A 427 19.91 26.99 -14.70
C LYS A 427 21.00 26.08 -15.29
N TYR A 428 21.06 26.04 -16.62
CA TYR A 428 22.05 25.26 -17.36
C TYR A 428 23.48 25.56 -16.89
N LEU A 429 23.79 26.84 -16.71
CA LEU A 429 25.10 27.24 -16.22
C LEU A 429 25.28 26.88 -14.72
N ALA A 430 24.18 26.87 -13.97
CA ALA A 430 24.23 26.53 -12.54
C ALA A 430 24.44 25.04 -12.26
N ILE A 431 23.74 24.19 -13.03
CA ILE A 431 23.79 22.73 -12.80
C ILE A 431 24.98 21.99 -13.46
N PHE A 432 25.84 22.72 -14.17
CA PHE A 432 27.04 22.12 -14.75
C PHE A 432 27.82 21.40 -13.65
N PRO A 433 28.39 20.21 -13.94
CA PRO A 433 28.42 19.41 -15.17
C PRO A 433 27.37 18.27 -15.30
N ASN A 434 26.15 18.47 -14.81
CA ASN A 434 25.11 17.43 -14.91
C ASN A 434 24.50 17.46 -16.32
N GLY A 435 25.20 16.81 -17.26
CA GLY A 435 24.80 16.79 -18.67
C GLY A 435 23.49 16.07 -18.95
N GLN A 436 23.19 15.05 -18.14
CA GLN A 436 21.94 14.31 -18.29
C GLN A 436 20.74 15.25 -18.10
N GLU A 437 20.81 16.06 -17.05
CA GLU A 437 19.73 16.99 -16.73
C GLU A 437 19.69 18.17 -17.71
N ALA A 438 20.86 18.63 -18.12
CA ALA A 438 20.99 19.70 -19.10
C ALA A 438 20.35 19.26 -20.43
N TRP A 439 20.67 18.04 -20.86
CA TRP A 439 20.13 17.46 -22.10
C TRP A 439 18.62 17.32 -22.04
N THR A 440 18.13 16.80 -20.91
CA THR A 440 16.70 16.65 -20.69
C THR A 440 15.96 17.99 -20.79
N GLU A 441 16.51 19.03 -20.14
CA GLU A 441 15.87 20.36 -20.17
C GLU A 441 15.95 21.02 -21.56
N TRP A 442 17.01 20.72 -22.31
CA TRP A 442 17.12 21.22 -23.67
C TRP A 442 16.05 20.54 -24.54
N ARG A 443 15.91 19.24 -24.40
CA ARG A 443 14.86 18.53 -25.11
C ARG A 443 13.48 19.10 -24.80
N ARG A 444 13.22 19.34 -23.50
CA ARG A 444 11.90 19.80 -23.05
C ARG A 444 11.56 21.25 -23.43
N THR A 445 12.55 22.13 -23.39
CA THR A 445 12.33 23.58 -23.59
C THR A 445 12.99 24.18 -24.84
N GLY A 446 14.05 23.54 -25.34
CA GLY A 446 14.82 24.05 -26.45
C GLY A 446 16.01 24.91 -25.99
N TYR A 447 16.15 25.08 -24.68
CA TYR A 447 17.17 25.98 -24.15
C TYR A 447 18.23 25.25 -23.29
N PRO A 448 19.48 25.77 -23.29
CA PRO A 448 19.93 26.91 -24.06
C PRO A 448 20.12 26.50 -25.54
N ARG A 449 19.98 27.45 -26.44
CA ARG A 449 20.14 27.16 -27.86
C ARG A 449 21.58 26.63 -28.11
N GLN A 450 21.69 25.54 -28.87
CA GLN A 450 22.96 24.86 -29.11
C GLN A 450 23.60 25.21 -30.42
N ILE A 451 24.93 25.02 -30.50
CA ILE A 451 25.65 25.09 -31.76
C ILE A 451 25.50 23.66 -32.27
N VAL A 452 24.85 23.50 -33.43
CA VAL A 452 24.53 22.17 -33.96
C VAL A 452 25.77 21.39 -34.37
N VAL A 453 25.63 20.05 -34.52
CA VAL A 453 26.79 19.22 -34.94
C VAL A 453 27.28 19.61 -36.32
N ALA A 454 28.56 19.41 -36.59
CA ALA A 454 29.15 19.70 -37.89
C ALA A 454 28.96 18.52 -38.86
N GLU A 455 28.94 17.29 -38.32
CA GLU A 455 28.69 16.09 -39.13
C GLU A 455 27.70 15.16 -38.42
N ASN A 456 26.85 14.50 -39.22
CA ASN A 456 25.83 13.59 -38.71
C ASN A 456 26.05 12.23 -39.31
N LYS A 457 26.39 11.27 -38.46
CA LYS A 457 26.65 9.90 -38.90
C LYS A 457 25.57 8.97 -38.31
N THR A 458 24.37 9.50 -38.10
CA THR A 458 23.34 8.74 -37.42
C THR A 458 22.91 7.46 -38.10
N ASN A 459 22.57 6.47 -37.26
CA ASN A 459 21.97 5.20 -37.68
C ASN A 459 20.56 5.10 -37.08
N SER A 460 20.05 6.22 -36.58
CA SER A 460 18.80 6.23 -35.83
C SER A 460 17.91 7.46 -36.16
N ALA A 461 18.00 7.93 -37.42
CA ALA A 461 17.14 9.01 -37.94
C ALA A 461 17.24 10.36 -37.22
N VAL A 462 18.34 10.62 -36.52
CA VAL A 462 18.51 11.89 -35.82
C VAL A 462 18.83 12.99 -36.81
N LEU A 463 18.18 14.15 -36.62
CA LEU A 463 18.38 15.32 -37.48
C LEU A 463 19.36 16.27 -36.84
N ILE A 464 20.18 16.94 -37.67
CA ILE A 464 21.07 17.98 -37.17
C ILE A 464 20.21 19.06 -36.50
N GLY A 465 19.13 19.45 -37.16
CA GLY A 465 18.18 20.39 -36.59
C GLY A 465 18.69 21.81 -36.50
N ASN A 466 18.09 22.58 -35.60
CA ASN A 466 18.43 23.99 -35.45
C ASN A 466 19.00 24.35 -34.07
N GLY A 467 19.32 23.34 -33.26
CA GLY A 467 19.86 23.59 -31.93
C GLY A 467 18.84 24.17 -30.94
N TYR A 468 17.57 24.25 -31.35
CA TYR A 468 16.51 24.81 -30.51
C TYR A 468 15.36 23.81 -30.37
N ASP A 469 14.35 23.89 -31.25
CA ASP A 469 13.15 23.03 -31.13
C ASP A 469 13.05 21.91 -32.16
N LEU A 470 14.07 21.78 -33.01
CA LEU A 470 14.08 20.77 -34.04
C LEU A 470 15.37 19.95 -33.98
N GLY A 471 15.23 18.62 -34.07
CA GLY A 471 16.38 17.74 -34.17
C GLY A 471 17.07 17.39 -32.88
N GLY A 472 18.29 16.91 -33.01
CA GLY A 472 19.08 16.44 -31.88
C GLY A 472 18.58 15.09 -31.39
N VAL A 473 19.28 14.52 -30.43
CA VAL A 473 18.94 13.24 -29.89
C VAL A 473 17.74 13.42 -28.94
N ARG A 474 16.63 12.76 -29.25
CA ARG A 474 15.41 12.86 -28.44
C ARG A 474 15.27 11.79 -27.40
N ARG A 475 16.01 10.71 -27.58
CA ARG A 475 16.01 9.55 -26.64
C ARG A 475 17.02 8.57 -27.13
N LEU A 476 17.41 7.65 -26.26
CA LEU A 476 18.20 6.51 -26.69
C LEU A 476 17.25 5.45 -27.18
N PRO A 477 17.63 4.73 -28.25
CA PRO A 477 16.83 3.62 -28.68
C PRO A 477 16.95 2.48 -27.68
N TYR A 478 16.01 1.55 -27.70
CA TYR A 478 16.08 0.43 -26.77
C TYR A 478 17.26 -0.47 -27.11
N PRO A 479 17.81 -1.19 -26.09
CA PRO A 479 18.95 -2.05 -26.34
C PRO A 479 18.58 -3.34 -27.05
N ARG A 480 19.51 -3.88 -27.84
CA ARG A 480 19.29 -5.14 -28.54
C ARG A 480 18.96 -6.26 -27.56
N THR A 481 19.51 -6.20 -26.34
CA THR A 481 19.25 -7.23 -25.35
C THR A 481 17.77 -7.35 -25.03
N GLU A 482 17.04 -6.22 -25.06
CA GLU A 482 15.60 -6.27 -24.84
C GLU A 482 14.85 -6.88 -26.03
N TYR A 483 15.36 -6.68 -27.24
CA TYR A 483 14.79 -7.32 -28.43
C TYR A 483 15.02 -8.85 -28.36
N GLU A 484 16.16 -9.26 -27.78
CA GLU A 484 16.53 -10.68 -27.74
C GLU A 484 15.85 -11.49 -26.63
N GLN A 485 15.64 -10.89 -25.46
CA GLN A 485 15.05 -11.65 -24.32
C GLN A 485 13.68 -11.17 -23.82
N ASN A 486 13.21 -10.02 -24.30
CA ASN A 486 11.92 -9.48 -23.85
C ASN A 486 11.19 -8.81 -25.04
N GLY A 487 11.24 -9.48 -26.19
CA GLY A 487 10.74 -8.93 -27.45
C GLY A 487 9.25 -8.65 -27.56
N GLU A 488 8.42 -9.52 -26.99
CA GLU A 488 6.96 -9.33 -27.05
C GLU A 488 6.57 -8.06 -26.26
N ASN A 489 7.03 -7.99 -25.03
CA ASN A 489 6.77 -6.81 -24.18
C ASN A 489 7.33 -5.51 -24.77
N LEU A 490 8.52 -5.60 -25.37
CA LEU A 490 9.15 -4.42 -25.99
C LEU A 490 8.34 -3.94 -27.18
N HIS A 491 7.90 -4.88 -28.01
CA HIS A 491 7.08 -4.53 -29.17
C HIS A 491 5.79 -3.82 -28.72
N ASN A 492 5.16 -4.30 -27.65
CA ASN A 492 3.96 -3.66 -27.12
C ASN A 492 4.20 -2.22 -26.67
N ALA A 493 5.33 -1.97 -26.01
CA ALA A 493 5.67 -0.61 -25.56
C ALA A 493 5.94 0.33 -26.74
N ILE A 494 6.72 -0.14 -27.71
CA ILE A 494 7.05 0.63 -28.91
C ILE A 494 5.77 0.98 -29.69
N SER A 495 4.89 -0.02 -29.86
CA SER A 495 3.63 0.17 -30.57
CA SER A 495 3.63 0.17 -30.56
C SER A 495 2.71 1.13 -29.82
N GLN A 496 2.54 0.92 -28.52
CA GLN A 496 1.62 1.74 -27.72
C GLN A 496 2.09 3.14 -27.41
N TYR A 497 3.40 3.28 -27.12
CA TYR A 497 3.91 4.55 -26.60
C TYR A 497 4.89 5.33 -27.46
N LEU A 498 5.48 4.69 -28.49
CA LEU A 498 6.46 5.35 -29.37
C LEU A 498 6.00 5.41 -30.82
N GLY A 499 4.69 5.31 -31.03
CA GLY A 499 4.12 5.33 -32.37
C GLY A 499 4.74 4.32 -33.33
N GLY A 500 5.20 3.18 -32.78
CA GLY A 500 5.76 2.11 -33.57
C GLY A 500 7.20 2.31 -34.03
N VAL A 501 7.83 3.41 -33.62
CA VAL A 501 9.17 3.77 -34.12
C VAL A 501 10.18 3.90 -32.98
N ASP A 502 11.00 2.86 -32.82
CA ASP A 502 12.05 2.81 -31.82
C ASP A 502 13.36 3.37 -32.36
N ASN A 503 13.49 4.68 -32.40
CA ASN A 503 14.74 5.30 -32.80
C ASN A 503 14.97 6.55 -31.99
N ALA A 504 16.13 7.18 -32.18
CA ALA A 504 16.54 8.34 -31.36
C ALA A 504 15.85 9.65 -31.74
N ALA A 505 15.12 9.63 -32.85
CA ALA A 505 14.38 10.78 -33.33
C ALA A 505 12.98 10.87 -32.68
N THR A 506 12.49 9.76 -32.13
CA THR A 506 11.17 9.70 -31.49
C THR A 506 11.20 10.39 -30.14
N LYS A 507 10.11 11.08 -29.82
CA LYS A 507 10.00 11.85 -28.59
C LYS A 507 9.35 11.08 -27.47
N VAL A 508 9.80 11.35 -26.23
CA VAL A 508 9.21 10.73 -25.04
C VAL A 508 8.01 11.54 -24.63
N TRP A 509 7.24 11.02 -23.68
CA TRP A 509 5.96 11.61 -23.28
C TRP A 509 5.97 13.07 -22.86
N TRP A 510 6.93 13.46 -22.00
CA TRP A 510 6.97 14.87 -21.54
C TRP A 510 7.49 15.87 -22.58
N ASP A 511 8.06 15.37 -23.69
CA ASP A 511 8.63 16.23 -24.75
C ASP A 511 7.51 16.65 -25.72
N LYS A 512 6.80 17.72 -25.36
CA LYS A 512 5.60 18.17 -26.09
C LYS A 512 5.68 19.55 -26.82
N LYS A 513 6.82 20.26 -26.70
CA LYS A 513 7.01 21.57 -27.41
C LYS A 513 7.68 21.41 -28.80
N SER A 514 8.75 20.60 -28.85
CA SER A 514 9.55 20.39 -30.07
C SER A 514 8.75 19.93 -31.30
N LYS A 515 9.38 20.02 -32.48
CA LYS A 515 8.78 19.60 -33.74
C LYS A 515 9.55 18.42 -34.37
N GLY B 21 -21.12 -35.03 41.47
CA GLY B 21 -20.46 -33.85 40.85
C GLY B 21 -19.33 -34.21 39.89
N VAL B 22 -18.39 -35.03 40.38
CA VAL B 22 -17.21 -35.44 39.58
C VAL B 22 -17.59 -36.05 38.22
N ILE B 23 -18.73 -36.76 38.17
CA ILE B 23 -19.24 -37.36 36.92
C ILE B 23 -19.36 -36.37 35.76
N TYR B 24 -19.73 -35.12 36.07
CA TYR B 24 -19.91 -34.07 35.04
C TYR B 24 -18.61 -33.39 34.59
N GLY B 25 -17.52 -33.62 35.32
CA GLY B 25 -16.24 -32.99 34.99
C GLY B 25 -15.65 -33.36 33.62
N ALA B 26 -16.07 -34.48 33.08
CA ALA B 26 -15.60 -34.94 31.77
C ALA B 26 -16.38 -34.28 30.63
N TYR B 27 -17.67 -34.06 30.83
CA TYR B 27 -18.55 -33.58 29.75
C TYR B 27 -18.76 -32.07 29.66
N LEU B 28 -18.86 -31.38 30.81
CA LEU B 28 -19.11 -29.94 30.77
C LEU B 28 -18.00 -29.16 30.07
N PRO B 29 -16.72 -29.36 30.47
CA PRO B 29 -15.67 -28.62 29.76
C PRO B 29 -15.63 -28.94 28.27
N ASN B 30 -15.79 -30.21 27.90
CA ASN B 30 -15.84 -30.59 26.48
C ASN B 30 -16.96 -29.86 25.74
N LEU B 31 -18.13 -29.77 26.37
CA LEU B 31 -19.26 -29.05 25.77
C LEU B 31 -18.94 -27.55 25.58
N GLU B 32 -18.37 -26.90 26.60
CA GLU B 32 -18.00 -25.47 26.51
C GLU B 32 -16.92 -25.23 25.43
N LYS B 33 -15.99 -26.17 25.31
CA LYS B 33 -14.92 -26.06 24.31
C LYS B 33 -15.41 -26.31 22.88
N SER B 34 -16.64 -26.84 22.73
CA SER B 34 -17.21 -27.07 21.40
C SER B 34 -18.03 -25.89 20.86
N VAL B 35 -18.35 -24.91 21.72
CA VAL B 35 -19.17 -23.76 21.29
C VAL B 35 -18.44 -22.99 20.17
N ILE B 36 -17.22 -22.57 20.46
CA ILE B 36 -16.30 -21.98 19.45
C ILE B 36 -14.98 -22.74 19.74
N PRO B 37 -14.48 -23.54 18.76
CA PRO B 37 -13.33 -24.41 19.02
C PRO B 37 -12.12 -23.74 19.71
N ILE B 38 -11.72 -24.30 20.86
CA ILE B 38 -10.62 -23.80 21.64
C ILE B 38 -10.31 -24.87 22.67
N GLY B 39 -9.07 -24.89 23.12
CA GLY B 39 -8.65 -25.82 24.15
C GLY B 39 -7.47 -25.33 24.94
N THR B 40 -7.02 -26.16 25.86
CA THR B 40 -5.86 -25.88 26.69
C THR B 40 -4.60 -26.11 25.86
N ALA B 41 -3.44 -25.83 26.45
CA ALA B 41 -2.15 -26.01 25.77
C ALA B 41 -1.91 -27.45 25.26
N SER B 42 -2.29 -28.44 26.08
CA SER B 42 -2.09 -29.86 25.74
C SER B 42 -2.92 -30.37 24.55
N GLU B 43 -4.09 -29.79 24.35
CA GLU B 43 -4.99 -30.24 23.30
C GLU B 43 -5.07 -29.28 22.16
N SER B 44 -4.06 -28.42 21.99
CA SER B 44 -4.14 -27.36 20.95
C SER B 44 -3.57 -27.74 19.57
N THR B 45 -3.70 -26.80 18.66
CA THR B 45 -3.40 -26.97 17.23
C THR B 45 -4.48 -27.84 16.51
N GLU B 46 -4.86 -29.01 17.04
CA GLU B 46 -6.02 -29.75 16.44
C GLU B 46 -7.29 -28.87 16.39
N PRO B 47 -7.69 -28.26 17.54
CA PRO B 47 -8.83 -27.35 17.53
C PRO B 47 -8.52 -26.04 16.83
N VAL B 48 -7.24 -25.69 16.71
CA VAL B 48 -6.85 -24.51 16.01
C VAL B 48 -7.22 -24.71 14.54
N ASN B 49 -7.01 -25.92 14.04
CA ASN B 49 -7.34 -26.26 12.66
C ASN B 49 -8.87 -26.17 12.41
N ARG B 50 -9.67 -26.53 13.43
CA ARG B 50 -11.14 -26.40 13.34
C ARG B 50 -11.51 -24.93 13.29
N TYR B 51 -10.85 -24.13 14.14
CA TYR B 51 -11.10 -22.70 14.18
C TYR B 51 -10.64 -22.03 12.87
N GLN B 52 -9.53 -22.50 12.31
CA GLN B 52 -9.01 -21.90 11.08
C GLN B 52 -9.99 -22.06 9.90
N ILE B 53 -10.48 -23.28 9.70
CA ILE B 53 -11.39 -23.58 8.61
C ILE B 53 -12.84 -23.11 8.87
N GLY B 54 -13.32 -23.32 10.09
CA GLY B 54 -14.70 -22.95 10.45
C GLY B 54 -14.97 -21.49 10.77
N VAL B 55 -13.95 -20.73 11.18
CA VAL B 55 -14.13 -19.30 11.49
C VAL B 55 -13.20 -18.38 10.68
N ASN B 56 -11.88 -18.60 10.78
CA ASN B 56 -10.91 -17.70 10.12
C ASN B 56 -11.03 -17.63 8.59
N LEU B 57 -11.23 -18.78 7.94
CA LEU B 57 -11.34 -18.84 6.48
C LEU B 57 -12.81 -18.88 6.00
N ALA B 58 -13.75 -18.80 6.93
CA ALA B 58 -15.18 -18.78 6.63
C ALA B 58 -15.75 -17.37 7.02
N GLY B 59 -16.45 -17.28 8.13
CA GLY B 59 -16.99 -15.98 8.59
C GLY B 59 -16.02 -14.80 8.54
N ASP B 60 -14.80 -14.93 9.11
CA ASP B 60 -13.81 -13.81 9.08
C ASP B 60 -13.56 -13.30 7.65
N ALA B 61 -13.51 -14.22 6.69
CA ALA B 61 -13.27 -13.87 5.29
C ALA B 61 -14.47 -13.23 4.67
N TRP B 62 -15.62 -13.89 4.81
CA TRP B 62 -16.85 -13.41 4.18
C TRP B 62 -17.39 -12.12 4.82
N ALA B 63 -17.06 -11.89 6.10
CA ALA B 63 -17.46 -10.66 6.81
C ALA B 63 -16.44 -9.53 6.61
N GLY B 64 -15.26 -9.86 6.08
CA GLY B 64 -14.25 -8.85 5.74
C GLY B 64 -13.26 -8.49 6.87
N TYR B 65 -13.20 -9.33 7.92
CA TYR B 65 -12.27 -9.09 9.03
C TYR B 65 -10.82 -9.39 8.69
N SER B 67 -8.05 -11.83 5.81
CA SER B 67 -7.83 -12.56 4.57
C SER B 67 -6.54 -13.35 4.72
N PRO B 68 -6.42 -14.46 3.99
CA PRO B 68 -5.13 -15.19 4.10
C PRO B 68 -3.91 -14.41 3.58
N ARG B 69 -2.76 -14.66 4.19
CA ARG B 69 -1.52 -14.04 3.77
C ARG B 69 -1.28 -14.42 2.32
N ASP B 70 -1.51 -15.68 2.01
CA ASP B 70 -1.37 -16.21 0.66
C ASP B 70 -2.51 -17.22 0.47
N ASN B 71 -3.36 -16.97 -0.54
CA ASN B 71 -4.48 -17.84 -0.82
C ASN B 71 -4.03 -19.07 -1.61
N LYS B 72 -3.43 -20.00 -0.90
CA LYS B 72 -2.87 -21.21 -1.50
C LYS B 72 -3.65 -22.50 -1.19
N PHE B 73 -4.61 -22.44 -0.28
CA PHE B 73 -5.30 -23.66 0.20
C PHE B 73 -6.08 -24.36 -0.91
N ASN B 74 -5.88 -25.68 -1.01
CA ASN B 74 -6.52 -26.52 -2.02
C ASN B 74 -6.32 -25.96 -3.43
N GLY B 75 -5.06 -25.76 -3.80
CA GLY B 75 -4.72 -25.20 -5.12
C GLY B 75 -5.44 -23.88 -5.40
N SER B 76 -5.58 -23.05 -4.37
CA SER B 76 -6.25 -21.74 -4.44
C SER B 76 -7.72 -21.80 -4.84
N LYS B 77 -8.41 -22.88 -4.43
CA LYS B 77 -9.88 -23.03 -4.61
C LYS B 77 -10.43 -23.41 -3.24
N ASN B 78 -10.98 -22.43 -2.52
CA ASN B 78 -11.42 -22.68 -1.17
C ASN B 78 -12.49 -21.71 -0.76
N PHE B 79 -12.87 -21.73 0.52
CA PHE B 79 -13.92 -20.83 1.00
C PHE B 79 -13.71 -19.35 0.62
N THR B 80 -12.47 -18.87 0.65
CA THR B 80 -12.21 -17.45 0.39
C THR B 80 -12.57 -16.94 -1.02
N ASN B 81 -12.62 -17.84 -2.01
CA ASN B 81 -13.07 -17.49 -3.36
C ASN B 81 -14.33 -18.31 -3.74
N TYR B 82 -15.07 -18.66 -2.70
CA TYR B 82 -16.38 -19.28 -2.78
C TYR B 82 -16.46 -20.73 -3.27
N PHE B 83 -15.32 -21.42 -3.29
CA PHE B 83 -15.29 -22.83 -3.61
C PHE B 83 -15.56 -23.58 -2.32
N TYR B 85 -15.23 -26.38 -0.65
CA TYR B 85 -14.42 -27.62 -0.68
C TYR B 85 -15.05 -28.73 0.22
N GLU B 86 -15.41 -29.84 -0.42
CA GLU B 86 -16.10 -30.98 0.22
C GLU B 86 -15.44 -31.43 1.53
N ASN B 87 -14.12 -31.58 1.52
CA ASN B 87 -13.40 -32.01 2.72
C ASN B 87 -13.58 -31.07 3.89
N TRP B 88 -13.61 -29.77 3.60
CA TRP B 88 -13.81 -28.75 4.64
C TRP B 88 -15.24 -28.75 5.19
N VAL B 89 -16.24 -28.91 4.30
CA VAL B 89 -17.65 -28.94 4.72
C VAL B 89 -17.93 -30.16 5.64
N ASN B 90 -17.38 -31.32 5.27
CA ASN B 90 -17.49 -32.53 6.10
C ASN B 90 -16.92 -32.30 7.49
N TYR B 91 -15.75 -31.66 7.52
CA TYR B 91 -15.05 -31.34 8.77
C TYR B 91 -15.88 -30.40 9.64
N VAL B 92 -16.32 -29.28 9.05
CA VAL B 92 -17.10 -28.28 9.77
C VAL B 92 -18.40 -28.88 10.34
N TYR B 93 -19.12 -29.65 9.54
CA TYR B 93 -20.37 -30.26 10.02
C TYR B 93 -20.09 -31.21 11.19
N SER B 94 -18.99 -31.96 11.11
CA SER B 94 -18.64 -32.91 12.13
C SER B 94 -18.38 -32.26 13.50
N PHE B 95 -17.58 -31.19 13.54
CA PHE B 95 -17.31 -30.52 14.83
C PHE B 95 -18.43 -29.56 15.28
N VAL B 97 -21.65 -30.32 14.94
CA VAL B 97 -22.80 -31.19 15.25
C VAL B 97 -22.41 -32.27 16.24
N THR B 98 -21.61 -33.22 15.79
CA THR B 98 -21.20 -34.35 16.62
C THR B 98 -20.50 -33.92 17.91
N ASP B 99 -19.51 -33.03 17.79
CA ASP B 99 -18.74 -32.59 18.96
C ASP B 99 -19.58 -31.84 20.01
N VAL B 100 -20.70 -31.24 19.58
CA VAL B 100 -21.61 -30.57 20.50
C VAL B 100 -22.57 -31.57 21.13
N TYR B 101 -23.21 -32.39 20.31
CA TYR B 101 -24.22 -33.35 20.82
C TYR B 101 -23.68 -34.42 21.74
N SER B 102 -22.46 -34.92 21.48
CA SER B 102 -21.89 -36.02 22.31
C SER B 102 -21.85 -35.70 23.80
N PRO B 103 -21.11 -34.65 24.21
CA PRO B 103 -21.07 -34.32 25.63
C PRO B 103 -22.44 -33.88 26.19
N TRP B 104 -23.24 -33.18 25.38
CA TRP B 104 -24.57 -32.76 25.84
C TRP B 104 -25.49 -33.97 26.16
N GLN B 106 -24.72 -36.97 27.13
CA GLN B 106 -24.27 -37.63 28.37
C GLN B 106 -24.64 -36.84 29.61
N ILE B 107 -24.55 -35.51 29.52
CA ILE B 107 -24.99 -34.64 30.62
C ILE B 107 -26.52 -34.77 30.82
N LYS B 108 -27.26 -34.84 29.71
CA LYS B 108 -28.72 -35.02 29.78
C LYS B 108 -29.08 -36.39 30.37
N ARG B 109 -28.45 -37.45 29.88
CA ARG B 109 -28.70 -38.80 30.37
C ARG B 109 -28.53 -38.88 31.89
N ILE B 110 -27.41 -38.35 32.38
CA ILE B 110 -27.08 -38.40 33.81
C ILE B 110 -27.91 -37.42 34.66
N SER B 111 -28.20 -36.22 34.12
CA SER B 111 -28.92 -35.18 34.89
C SER B 111 -30.43 -35.26 34.81
N GLN B 112 -30.97 -35.98 33.83
CA GLN B 112 -32.42 -36.04 33.64
C GLN B 112 -33.02 -37.44 33.55
N ASP B 113 -32.32 -38.35 32.87
CA ASP B 113 -32.84 -39.67 32.59
C ASP B 113 -32.37 -40.77 33.57
N GLU B 114 -31.90 -40.38 34.76
CA GLU B 114 -31.44 -41.37 35.77
C GLU B 114 -31.79 -40.97 37.19
N GLY B 115 -32.63 -41.78 37.83
CA GLY B 115 -33.06 -41.57 39.22
C GLY B 115 -33.26 -40.11 39.57
N THR B 116 -32.57 -39.67 40.62
CA THR B 116 -32.64 -38.29 41.05
C THR B 116 -32.11 -37.38 39.93
N ARG B 117 -32.95 -36.47 39.48
CA ARG B 117 -32.57 -35.54 38.47
C ARG B 117 -31.77 -34.40 39.06
N ASN B 118 -31.18 -33.60 38.20
CA ASN B 118 -30.50 -32.38 38.60
C ASN B 118 -30.80 -31.36 37.51
N ASP B 119 -31.89 -30.62 37.72
CA ASP B 119 -32.41 -29.69 36.72
C ASP B 119 -31.52 -28.50 36.45
N GLU B 120 -30.84 -28.00 37.49
CA GLU B 120 -29.95 -26.84 37.33
C GLU B 120 -28.77 -27.15 36.40
N ILE B 121 -28.23 -28.37 36.51
CA ILE B 121 -27.12 -28.82 35.64
C ILE B 121 -27.59 -28.96 34.19
N TYR B 122 -28.77 -29.55 34.00
CA TYR B 122 -29.35 -29.67 32.65
C TYR B 122 -29.64 -28.29 32.04
N ALA B 123 -30.15 -27.36 32.88
CA ALA B 123 -30.41 -25.98 32.43
C ALA B 123 -29.13 -25.34 31.91
N LEU B 124 -28.04 -25.47 32.69
CA LEU B 124 -26.72 -24.96 32.27
C LEU B 124 -26.28 -25.60 30.94
N ALA B 125 -26.43 -26.91 30.82
CA ALA B 125 -26.07 -27.66 29.61
C ALA B 125 -26.87 -27.21 28.39
N GLN B 126 -28.14 -26.85 28.61
CA GLN B 126 -29.00 -26.36 27.54
C GLN B 126 -28.56 -25.00 27.00
N ILE B 127 -28.22 -24.10 27.92
CA ILE B 127 -27.77 -22.76 27.55
C ILE B 127 -26.48 -22.85 26.71
N ILE B 128 -25.56 -23.70 27.15
CA ILE B 128 -24.30 -23.88 26.44
C ILE B 128 -24.55 -24.54 25.06
N LYS B 129 -25.45 -25.53 25.02
CA LYS B 129 -25.80 -26.21 23.75
C LYS B 129 -26.32 -25.22 22.71
N ILE B 130 -27.24 -24.36 23.14
CA ILE B 130 -27.83 -23.34 22.26
C ILE B 130 -26.76 -22.32 21.79
N ALA B 131 -25.85 -21.99 22.71
CA ALA B 131 -24.69 -21.12 22.39
C ALA B 131 -23.87 -21.68 21.21
N ALA B 132 -23.76 -23.01 21.16
CA ALA B 132 -23.08 -23.73 20.09
C ALA B 132 -23.97 -23.90 18.86
N LEU B 133 -25.14 -24.51 19.05
CA LEU B 133 -26.01 -24.89 17.94
C LEU B 133 -26.69 -23.76 17.17
N HIS B 134 -26.81 -22.56 17.75
CA HIS B 134 -27.37 -21.45 16.97
C HIS B 134 -26.40 -21.09 15.85
N ARG B 135 -25.10 -21.32 16.07
CA ARG B 135 -24.09 -21.06 15.05
CA ARG B 135 -24.08 -21.07 15.05
C ARG B 135 -24.21 -22.12 13.94
N THR B 136 -24.48 -23.35 14.36
CA THR B 136 -24.61 -24.49 13.42
C THR B 136 -25.78 -24.32 12.46
N THR B 137 -26.94 -23.95 12.98
CA THR B 137 -28.09 -23.73 12.13
C THR B 137 -27.93 -22.44 11.30
N ASP B 138 -27.31 -21.40 11.86
CA ASP B 138 -27.00 -20.19 11.08
C ASP B 138 -26.07 -20.53 9.91
N PHE B 140 -25.77 -23.77 8.37
CA PHE B 140 -26.36 -24.75 7.42
C PHE B 140 -27.86 -24.59 7.11
N GLY B 141 -28.61 -24.01 8.04
CA GLY B 141 -30.06 -23.90 7.91
C GLY B 141 -30.69 -25.03 8.73
N PRO B 142 -31.57 -25.84 8.10
CA PRO B 142 -32.16 -26.95 8.87
C PRO B 142 -31.07 -27.92 9.36
N ILE B 143 -31.25 -28.44 10.58
CA ILE B 143 -30.30 -29.37 11.18
C ILE B 143 -31.04 -30.44 12.00
N PRO B 144 -30.37 -31.56 12.29
CA PRO B 144 -30.99 -32.51 13.22
C PRO B 144 -31.02 -31.86 14.59
N TYR B 145 -32.15 -31.91 15.27
CA TYR B 145 -32.32 -31.28 16.56
C TYR B 145 -33.25 -32.08 17.48
N SER B 146 -34.57 -31.96 17.30
CA SER B 146 -35.53 -32.63 18.20
C SER B 146 -35.51 -34.15 18.13
N GLN B 147 -35.10 -34.72 17.00
CA GLN B 147 -35.06 -36.18 16.84
C GLN B 147 -33.68 -36.78 17.19
N VAL B 148 -32.75 -35.96 17.66
CA VAL B 148 -31.41 -36.44 18.01
C VAL B 148 -31.44 -37.29 19.30
N GLY B 149 -30.68 -38.39 19.30
CA GLY B 149 -30.52 -39.21 20.51
C GLY B 149 -31.18 -40.55 20.50
N LYS B 150 -32.44 -40.60 20.01
CA LYS B 150 -33.23 -41.87 19.99
C LYS B 150 -32.74 -42.99 19.02
N GLY B 151 -32.96 -42.81 17.71
CA GLY B 151 -32.65 -43.87 16.72
C GLY B 151 -31.56 -43.60 15.67
N SER B 152 -30.37 -44.20 15.88
CA SER B 152 -29.26 -44.19 14.91
C SER B 152 -28.68 -42.82 14.56
N PHE B 153 -27.77 -42.84 13.57
CA PHE B 153 -27.25 -41.61 12.95
C PHE B 153 -28.23 -41.16 11.84
N LYS B 154 -29.29 -41.95 11.61
CA LYS B 154 -30.34 -41.59 10.64
C LYS B 154 -31.40 -40.77 11.34
N VAL B 155 -31.12 -39.49 11.51
CA VAL B 155 -31.99 -38.57 12.20
C VAL B 155 -32.63 -37.57 11.24
N ALA B 156 -33.92 -37.31 11.45
CA ALA B 156 -34.65 -36.34 10.64
C ALA B 156 -34.26 -34.92 11.04
N TYR B 157 -34.34 -34.02 10.08
CA TYR B 157 -33.98 -32.64 10.25
C TYR B 157 -35.17 -31.81 10.68
N ASP B 158 -34.90 -30.79 11.51
CA ASP B 158 -35.94 -29.82 11.89
C ASP B 158 -35.74 -28.57 11.02
N SER B 159 -36.84 -27.89 10.70
CA SER B 159 -36.74 -26.63 9.99
C SER B 159 -36.02 -25.64 10.91
N GLN B 160 -35.28 -24.71 10.31
CA GLN B 160 -34.61 -23.67 11.09
C GLN B 160 -35.62 -22.89 11.91
N GLU B 161 -36.81 -22.65 11.34
CA GLU B 161 -37.86 -21.95 12.06
C GLU B 161 -38.21 -22.67 13.39
N SER B 162 -38.42 -23.98 13.32
CA SER B 162 -38.74 -24.73 14.54
C SER B 162 -37.56 -24.73 15.51
N VAL B 163 -36.33 -24.82 14.98
CA VAL B 163 -35.15 -24.79 15.85
C VAL B 163 -35.07 -23.46 16.62
N TYR B 164 -35.27 -22.33 15.93
CA TYR B 164 -35.25 -21.01 16.58
C TYR B 164 -36.35 -20.83 17.61
N ARG B 165 -37.56 -21.29 17.29
CA ARG B 165 -38.66 -21.22 18.24
C ARG B 165 -38.35 -22.05 19.47
N SER B 166 -37.73 -23.21 19.27
CA SER B 166 -37.33 -24.04 20.37
C SER B 166 -36.22 -23.36 21.18
N PHE B 167 -35.18 -22.81 20.52
CA PHE B 167 -34.11 -22.09 21.26
C PHE B 167 -34.68 -21.08 22.22
N LEU B 168 -35.56 -20.23 21.71
CA LEU B 168 -36.13 -19.14 22.49
C LEU B 168 -36.92 -19.66 23.70
N LYS B 169 -37.74 -20.68 23.50
CA LYS B 169 -38.49 -21.30 24.59
C LYS B 169 -37.55 -21.99 25.58
N GLU B 170 -36.54 -22.70 25.06
CA GLU B 170 -35.59 -23.43 25.91
C GLU B 170 -34.75 -22.51 26.81
N LEU B 171 -34.32 -21.36 26.27
CA LEU B 171 -33.56 -20.38 27.06
C LEU B 171 -34.41 -19.85 28.22
N GLU B 172 -35.68 -19.55 27.94
CA GLU B 172 -36.59 -19.04 28.97
C GLU B 172 -36.78 -20.07 30.09
N GLU B 173 -36.97 -21.32 29.71
CA GLU B 173 -37.14 -22.40 30.69
C GLU B 173 -35.85 -22.62 31.52
N ALA B 174 -34.71 -22.54 30.85
CA ALA B 174 -33.42 -22.70 31.48
C ALA B 174 -33.21 -21.61 32.54
N VAL B 175 -33.50 -20.36 32.16
CA VAL B 175 -33.40 -19.24 33.09
C VAL B 175 -34.36 -19.39 34.27
N GLN B 176 -35.58 -19.85 34.00
CA GLN B 176 -36.57 -20.06 35.05
C GLN B 176 -36.07 -21.13 36.04
N THR B 177 -35.45 -22.20 35.52
CA THR B 177 -34.89 -23.25 36.37
C THR B 177 -33.77 -22.71 37.23
N LEU B 178 -32.81 -22.01 36.61
CA LEU B 178 -31.71 -21.42 37.37
C LEU B 178 -32.18 -20.40 38.42
N ASP B 179 -33.26 -19.68 38.12
CA ASP B 179 -33.79 -18.68 39.06
C ASP B 179 -34.34 -19.39 40.32
N ASP B 180 -35.09 -20.46 40.11
CA ASP B 180 -35.62 -21.25 41.22
C ASP B 180 -34.45 -21.81 42.05
N TYR B 181 -33.44 -22.32 41.35
CA TYR B 181 -32.26 -22.88 42.01
C TYR B 181 -31.42 -21.84 42.78
N SER B 182 -31.37 -20.60 42.26
CA SER B 182 -30.57 -19.52 42.89
C SER B 182 -30.94 -19.26 44.36
N ASN B 183 -32.19 -19.57 44.73
CA ASN B 183 -32.64 -19.42 46.12
C ASN B 183 -31.93 -20.44 47.03
N LYS B 184 -31.60 -21.61 46.46
CA LYS B 184 -30.93 -22.69 47.21
C LYS B 184 -29.40 -22.55 47.16
N SER B 185 -28.84 -22.16 46.02
CA SER B 185 -27.39 -22.03 45.87
C SER B 185 -27.00 -21.11 44.72
N LYS B 186 -25.93 -20.34 44.92
CA LYS B 186 -25.46 -19.39 43.93
C LYS B 186 -24.52 -20.01 42.88
N GLU B 187 -24.19 -21.31 43.00
CA GLU B 187 -23.24 -21.95 42.07
C GLU B 187 -23.67 -23.32 41.52
N VAL B 188 -23.21 -23.61 40.29
CA VAL B 188 -23.48 -24.90 39.61
CA VAL B 188 -23.47 -24.89 39.61
C VAL B 188 -22.18 -25.42 38.98
N LEU B 189 -21.73 -26.60 39.42
CA LEU B 189 -20.49 -27.22 38.93
C LEU B 189 -19.35 -26.18 38.83
N PRO B 190 -19.05 -25.49 39.95
CA PRO B 190 -18.04 -24.43 39.92
C PRO B 190 -16.63 -24.89 39.57
N ALA B 191 -16.27 -26.09 39.99
CA ALA B 191 -14.95 -26.64 39.74
C ALA B 191 -14.69 -27.00 38.28
N PHE B 192 -15.76 -27.13 37.49
CA PHE B 192 -15.63 -27.55 36.08
C PHE B 192 -16.09 -26.54 35.04
N ASP B 193 -16.67 -25.42 35.47
CA ASP B 193 -17.18 -24.40 34.53
C ASP B 193 -16.10 -23.37 34.20
N ILE B 194 -15.57 -23.43 32.99
CA ILE B 194 -14.51 -22.51 32.52
C ILE B 194 -15.00 -21.07 32.29
N VAL B 195 -16.27 -20.92 31.93
CA VAL B 195 -16.82 -19.60 31.58
C VAL B 195 -17.05 -18.66 32.77
N TYR B 196 -17.82 -19.11 33.78
CA TYR B 196 -18.14 -18.25 34.94
C TYR B 196 -17.85 -18.87 36.29
N ASN B 197 -17.03 -19.92 36.33
CA ASN B 197 -16.71 -20.62 37.60
C ASN B 197 -17.97 -21.02 38.39
N GLY B 198 -19.02 -21.40 37.67
CA GLY B 198 -20.28 -21.86 38.23
C GLY B 198 -21.26 -20.81 38.71
N ASP B 199 -20.98 -19.53 38.45
CA ASP B 199 -21.84 -18.45 38.92
C ASP B 199 -23.20 -18.46 38.22
N VAL B 200 -24.22 -18.86 38.96
CA VAL B 200 -25.59 -18.98 38.43
C VAL B 200 -26.14 -17.65 37.92
N ASN B 201 -25.88 -16.56 38.63
CA ASN B 201 -26.35 -15.23 38.20
C ASN B 201 -25.78 -14.83 36.84
N LYS B 202 -24.48 -15.06 36.66
CA LYS B 202 -23.83 -14.71 35.39
C LYS B 202 -24.36 -15.54 34.22
N TRP B 203 -24.69 -16.81 34.49
CA TRP B 203 -25.29 -17.67 33.46
C TRP B 203 -26.68 -17.20 33.07
N ARG B 205 -27.75 -14.09 33.14
CA ARG B 205 -27.54 -12.89 32.34
C ARG B 205 -27.15 -13.24 30.89
N PHE B 206 -26.28 -14.24 30.73
CA PHE B 206 -25.87 -14.67 29.38
C PHE B 206 -27.05 -15.28 28.61
N ALA B 207 -27.82 -16.12 29.29
CA ALA B 207 -29.01 -16.74 28.67
C ALA B 207 -29.98 -15.66 28.16
N ASN B 208 -30.22 -14.63 28.99
CA ASN B 208 -31.09 -13.51 28.60
C ASN B 208 -30.47 -12.72 27.44
N SER B 209 -29.15 -12.52 27.49
CA SER B 209 -28.45 -11.80 26.44
C SER B 209 -28.47 -12.57 25.09
N LEU B 210 -28.30 -13.90 25.16
CA LEU B 210 -28.37 -14.76 23.96
C LEU B 210 -29.82 -14.79 23.38
N LEU B 212 -31.93 -12.39 23.52
CA LEU B 212 -32.06 -11.11 22.82
C LEU B 212 -31.42 -11.18 21.42
N ARG B 213 -30.22 -11.76 21.33
CA ARG B 213 -29.56 -11.90 20.04
C ARG B 213 -30.40 -12.70 19.07
N LEU B 214 -30.90 -13.85 19.54
CA LEU B 214 -31.71 -14.74 18.69
C LEU B 214 -33.10 -14.14 18.38
N ALA B 215 -33.62 -13.30 19.28
CA ALA B 215 -34.91 -12.65 19.08
C ALA B 215 -34.81 -11.64 17.94
N ILE B 216 -33.82 -10.77 18.00
CA ILE B 216 -33.60 -9.79 16.96
C ILE B 216 -33.32 -10.49 15.60
N ARG B 217 -32.63 -11.63 15.64
CA ARG B 217 -32.30 -12.37 14.41
C ARG B 217 -33.52 -12.75 13.58
N VAL B 218 -34.61 -13.09 14.25
CA VAL B 218 -35.82 -13.52 13.57
C VAL B 218 -36.77 -12.37 13.14
N ARG B 219 -36.40 -11.11 13.43
CA ARG B 219 -37.24 -9.89 13.09
C ARG B 219 -37.94 -9.92 11.76
N PHE B 220 -37.15 -10.18 10.71
CA PHE B 220 -37.64 -10.10 9.33
C PHE B 220 -38.44 -11.31 8.91
N ALA B 221 -38.26 -12.45 9.58
CA ALA B 221 -39.04 -13.66 9.29
C ALA B 221 -40.36 -13.66 10.07
N ASP B 222 -40.31 -13.20 11.33
CA ASP B 222 -41.47 -13.13 12.20
C ASP B 222 -41.28 -12.02 13.23
N ALA B 223 -41.80 -10.83 12.93
CA ALA B 223 -41.69 -9.68 13.80
C ALA B 223 -42.34 -9.92 15.18
N GLY B 224 -43.44 -10.67 15.21
CA GLY B 224 -44.15 -10.97 16.48
C GLY B 224 -43.30 -11.82 17.43
N LEU B 225 -42.67 -12.86 16.89
CA LEU B 225 -41.77 -13.74 17.68
C LEU B 225 -40.57 -12.94 18.23
N ALA B 226 -40.00 -12.11 17.36
CA ALA B 226 -38.89 -11.23 17.73
C ALA B 226 -39.27 -10.28 18.91
N LYS B 227 -40.41 -9.63 18.79
CA LYS B 227 -40.87 -8.69 19.82
C LYS B 227 -41.11 -9.40 21.15
N GLU B 228 -41.80 -10.53 21.10
CA GLU B 228 -42.08 -11.32 22.28
C GLU B 228 -40.81 -11.61 23.10
N TYR B 229 -39.82 -12.20 22.46
CA TYR B 229 -38.63 -12.62 23.17
C TYR B 229 -37.59 -11.53 23.42
N ALA B 230 -37.54 -10.51 22.57
CA ALA B 230 -36.63 -9.40 22.79
C ALA B 230 -37.08 -8.68 24.08
N GLU B 231 -38.39 -8.46 24.21
CA GLU B 231 -38.95 -7.80 25.39
C GLU B 231 -38.82 -8.68 26.65
N LYS B 232 -39.03 -9.99 26.52
CA LYS B 232 -38.79 -10.90 27.66
C LYS B 232 -37.34 -10.79 28.16
N ALA B 233 -36.38 -10.83 27.22
CA ALA B 233 -34.98 -10.74 27.57
C ALA B 233 -34.64 -9.47 28.36
N VAL B 234 -35.12 -8.31 27.90
CA VAL B 234 -34.76 -7.04 28.56
C VAL B 234 -35.56 -6.70 29.81
N LYS B 235 -36.69 -7.39 30.02
CA LYS B 235 -37.50 -7.18 31.21
C LYS B 235 -37.23 -8.21 32.33
N HIS B 236 -36.48 -9.27 32.04
CA HIS B 236 -36.22 -10.29 33.05
C HIS B 236 -35.40 -9.69 34.22
N PRO B 237 -35.82 -9.94 35.49
CA PRO B 237 -35.13 -9.35 36.65
C PRO B 237 -33.66 -9.78 36.91
N ALA B 238 -33.21 -10.87 36.28
CA ALA B 238 -31.81 -11.32 36.42
C ALA B 238 -30.86 -10.37 35.70
N GLY B 239 -31.34 -9.76 34.62
CA GLY B 239 -30.54 -8.78 33.86
C GLY B 239 -29.90 -9.34 32.60
N LEU B 240 -29.02 -8.53 32.03
CA LEU B 240 -28.29 -8.87 30.83
C LEU B 240 -26.83 -8.67 31.12
N ILE B 241 -25.98 -9.01 30.15
CA ILE B 241 -24.56 -8.73 30.26
C ILE B 241 -24.41 -7.23 30.04
N ASN B 242 -24.23 -6.47 31.12
CA ASN B 242 -24.11 -5.00 31.05
C ASN B 242 -22.76 -4.44 31.52
N SER B 243 -21.72 -5.27 31.51
CA SER B 243 -20.35 -4.82 31.84
C SER B 243 -19.35 -5.84 31.34
N LYS B 244 -18.12 -5.39 31.12
CA LYS B 244 -17.04 -6.23 30.64
C LYS B 244 -16.82 -7.46 31.54
N GLU B 245 -16.99 -7.25 32.85
CA GLU B 245 -16.79 -8.31 33.84
C GLU B 245 -17.85 -9.43 33.79
N LEU B 246 -18.96 -9.20 33.08
CA LEU B 246 -20.02 -10.21 32.95
C LEU B 246 -20.00 -10.90 31.57
N ALA B 247 -19.03 -10.53 30.74
CA ALA B 247 -18.90 -11.07 29.41
C ALA B 247 -18.69 -12.56 29.44
N ALA B 248 -19.24 -13.25 28.44
CA ALA B 248 -19.12 -14.70 28.31
C ALA B 248 -17.88 -14.98 27.46
N GLN B 249 -16.85 -15.53 28.09
CA GLN B 249 -15.58 -15.78 27.40
C GLN B 249 -14.87 -17.05 27.84
N GLY B 251 -11.21 -18.22 28.60
CA GLY B 251 -9.84 -17.80 28.88
C GLY B 251 -9.33 -18.52 30.10
N LYS B 252 -9.40 -17.87 31.25
CA LYS B 252 -8.99 -18.49 32.53
C LYS B 252 -10.23 -18.87 33.31
N GLY B 253 -10.37 -20.15 33.66
CA GLY B 253 -11.55 -20.59 34.44
C GLY B 253 -11.46 -22.03 34.86
N ALA B 254 -12.12 -22.37 35.96
CA ALA B 254 -12.10 -23.72 36.50
C ALA B 254 -10.67 -24.24 36.64
N GLY B 255 -9.72 -23.33 36.91
CA GLY B 255 -8.30 -23.70 37.05
C GLY B 255 -7.56 -24.00 35.75
N LEU B 256 -8.25 -23.88 34.61
CA LEU B 256 -7.64 -24.15 33.31
C LEU B 256 -7.32 -22.85 32.59
N GLN B 257 -6.42 -22.93 31.62
CA GLN B 257 -6.04 -21.79 30.79
C GLN B 257 -6.27 -22.14 29.32
N LYS B 259 -6.17 -21.47 25.22
CA LYS B 259 -5.17 -20.86 24.33
C LYS B 259 -5.84 -20.32 23.07
N ASN B 260 -5.66 -19.03 22.84
CA ASN B 260 -6.29 -18.35 21.73
C ASN B 260 -5.84 -18.94 20.38
N PRO B 261 -6.79 -19.51 19.61
CA PRO B 261 -6.46 -20.13 18.35
C PRO B 261 -5.96 -19.14 17.29
N LEU B 262 -6.44 -17.90 17.34
CA LEU B 262 -6.01 -16.88 16.38
C LEU B 262 -4.54 -16.56 16.54
N LYS B 263 -4.03 -16.61 17.76
CA LYS B 263 -2.62 -16.39 17.98
C LYS B 263 -1.78 -17.45 17.25
N VAL B 264 -2.20 -18.71 17.34
CA VAL B 264 -1.48 -19.82 16.68
C VAL B 264 -1.52 -19.67 15.14
N ILE B 265 -2.69 -19.33 14.62
CA ILE B 265 -2.88 -19.14 13.17
C ILE B 265 -1.99 -17.99 12.68
N ASN B 266 -1.92 -16.93 13.48
CA ASN B 266 -1.11 -15.77 13.16
C ASN B 266 0.42 -16.03 13.23
N GLU B 267 0.89 -16.52 14.37
CA GLU B 267 2.33 -16.71 14.60
C GLU B 267 2.93 -18.02 14.08
N GLU B 268 2.33 -19.16 14.42
CA GLU B 268 2.90 -20.45 14.02
C GLU B 268 2.62 -20.76 12.54
N TYR B 269 1.40 -20.51 12.08
CA TYR B 269 1.04 -20.82 10.68
C TYR B 269 1.29 -19.65 9.71
N ASN B 270 1.36 -18.42 10.24
CA ASN B 270 1.58 -17.23 9.42
C ASN B 270 0.57 -17.17 8.27
N ASP B 271 -0.70 -17.42 8.59
CA ASP B 271 -1.74 -17.55 7.59
C ASP B 271 -2.77 -16.46 7.53
N THR B 272 -2.66 -15.39 8.31
CA THR B 272 -3.73 -14.39 8.29
C THR B 272 -3.28 -12.94 8.37
N ARG B 273 -4.04 -12.08 7.69
CA ARG B 273 -3.77 -10.65 7.59
C ARG B 273 -5.06 -9.86 7.66
N GLY B 275 -8.16 -7.66 6.90
CA GLY B 275 -9.06 -7.65 5.76
C GLY B 275 -9.26 -6.24 5.21
N ALA B 276 -9.47 -6.14 3.89
CA ALA B 276 -9.67 -4.85 3.21
C ALA B 276 -10.95 -4.14 3.67
N THR B 277 -12.00 -4.90 3.92
CA THR B 277 -13.28 -4.32 4.35
C THR B 277 -13.17 -3.67 5.72
N ILE B 278 -12.71 -4.40 6.74
CA ILE B 278 -12.57 -3.79 8.08
C ILE B 278 -11.56 -2.60 8.04
N TYR B 279 -10.53 -2.71 7.20
CA TYR B 279 -9.58 -1.60 7.02
C TYR B 279 -10.30 -0.30 6.63
N SER B 280 -11.16 -0.39 5.62
CA SER B 280 -11.92 0.79 5.12
C SER B 280 -12.61 1.55 6.24
N TYR B 281 -13.30 0.83 7.12
CA TYR B 281 -14.01 1.44 8.25
C TYR B 281 -13.05 1.93 9.34
N LEU B 282 -12.14 1.06 9.77
CA LEU B 282 -11.18 1.42 10.83
C LEU B 282 -10.27 2.59 10.43
N ALA B 283 -9.74 2.55 9.20
CA ALA B 283 -8.87 3.62 8.71
C ALA B 283 -9.67 4.88 8.43
N GLY B 284 -10.75 4.76 7.68
CA GLY B 284 -11.60 5.92 7.36
C GLY B 284 -12.09 6.69 8.59
N TYR B 285 -12.51 5.94 9.63
CA TYR B 285 -13.00 6.57 10.85
C TYR B 285 -11.91 6.98 11.84
N ASN B 286 -10.63 6.77 11.49
CA ASN B 286 -9.51 7.11 12.39
C ASN B 286 -9.80 6.50 13.75
N ASP B 287 -10.17 5.22 13.71
CA ASP B 287 -10.66 4.48 14.86
C ASP B 287 -9.53 4.01 15.78
N ALA B 288 -9.56 4.45 17.04
CA ALA B 288 -8.54 4.09 18.03
C ALA B 288 -8.48 2.56 18.35
N ARG B 289 -9.55 1.83 18.01
CA ARG B 289 -9.56 0.36 18.18
C ARG B 289 -8.68 -0.38 17.15
N ALA B 290 -8.39 0.29 16.03
CA ALA B 290 -7.56 -0.30 14.96
C ALA B 290 -6.23 -0.83 15.49
N ALA B 291 -5.54 -0.01 16.29
CA ALA B 291 -4.23 -0.38 16.87
C ALA B 291 -4.34 -1.43 17.99
N VAL B 292 -5.56 -1.62 18.53
CA VAL B 292 -5.81 -2.67 19.54
C VAL B 292 -6.11 -3.99 18.82
N TYR B 293 -6.89 -3.91 17.74
CA TYR B 293 -7.26 -5.09 16.97
C TYR B 293 -6.16 -5.61 16.06
N PHE B 294 -5.34 -4.69 15.53
CA PHE B 294 -4.25 -5.03 14.62
C PHE B 294 -2.93 -4.34 15.01
N VAL B 295 -1.80 -4.98 14.64
CA VAL B 295 -0.46 -4.43 14.92
C VAL B 295 -0.18 -3.34 13.89
N LYS B 296 -0.19 -2.08 14.35
CA LYS B 296 -0.12 -0.92 13.45
C LYS B 296 1.22 -0.66 12.74
N ASN B 297 2.34 -0.63 13.45
CA ASN B 297 3.65 -0.31 12.82
C ASN B 297 3.63 1.18 12.29
N ASN B 298 3.91 1.43 11.00
CA ASN B 298 3.87 2.81 10.44
C ASN B 298 2.45 3.17 10.13
N GLY B 299 1.73 2.20 9.60
CA GLY B 299 0.32 2.34 9.29
C GLY B 299 -0.23 0.98 8.95
N PHE B 300 -1.46 0.93 8.47
CA PHE B 300 -2.09 -0.32 8.14
C PHE B 300 -2.00 -0.67 6.66
N LYS B 301 -1.86 -1.98 6.39
CA LYS B 301 -1.83 -2.52 5.04
C LYS B 301 -2.71 -3.77 5.06
N ALA B 302 -3.84 -3.72 4.32
CA ALA B 302 -4.83 -4.78 4.34
C ALA B 302 -4.83 -5.58 3.05
N VAL B 303 -5.46 -6.74 3.11
CA VAL B 303 -5.47 -7.68 2.01
C VAL B 303 -6.90 -7.98 1.60
N ARG B 304 -7.14 -7.97 0.31
CA ARG B 304 -8.46 -8.19 -0.19
C ARG B 304 -8.81 -9.67 -0.21
N CYS B 305 -10.07 -9.99 0.09
CA CYS B 305 -10.53 -11.35 0.11
C CYS B 305 -10.95 -11.78 -1.29
N GLY B 306 -10.80 -13.07 -1.57
CA GLY B 306 -11.18 -13.63 -2.88
C GLY B 306 -10.23 -13.22 -3.97
N ILE B 307 -8.94 -13.59 -3.82
CA ILE B 307 -7.90 -13.24 -4.81
C ILE B 307 -7.00 -14.44 -5.13
N ALA B 308 -6.16 -14.29 -6.16
CA ALA B 308 -5.27 -15.35 -6.60
C ALA B 308 -4.12 -15.52 -5.64
N LYS B 309 -3.41 -16.65 -5.79
CA LYS B 309 -2.20 -16.95 -5.03
C LYS B 309 -1.19 -15.83 -5.29
N SER B 310 -0.55 -15.36 -4.22
CA SER B 310 0.36 -14.20 -4.30
C SER B 310 1.75 -14.43 -3.71
N GLY B 311 2.08 -15.67 -3.35
CA GLY B 311 3.39 -15.99 -2.80
C GLY B 311 3.71 -15.18 -1.55
N ASP B 312 4.83 -14.45 -1.58
CA ASP B 312 5.28 -13.63 -0.44
C ASP B 312 4.77 -12.16 -0.46
N ALA B 313 3.90 -11.81 -1.41
CA ALA B 313 3.42 -10.42 -1.58
C ALA B 313 2.92 -9.73 -0.31
N TYR B 314 2.13 -10.44 0.49
CA TYR B 314 1.53 -9.84 1.66
C TYR B 314 2.21 -10.19 2.97
N ASN B 315 3.44 -10.68 2.91
CA ASN B 315 4.20 -11.04 4.11
C ASN B 315 4.34 -9.89 5.12
N GLY B 316 4.55 -8.69 4.61
CA GLY B 316 4.72 -7.52 5.47
C GLY B 316 3.46 -6.80 5.84
N PHE B 317 2.32 -7.27 5.37
CA PHE B 317 1.06 -6.61 5.63
C PHE B 317 0.61 -6.81 7.08
N THR B 318 -0.42 -6.08 7.47
CA THR B 318 -0.87 -6.06 8.86
C THR B 318 -1.41 -7.38 9.38
N ARG B 319 -0.97 -7.73 10.60
CA ARG B 319 -1.39 -8.94 11.30
C ARG B 319 -2.33 -8.58 12.45
N PRO B 320 -3.19 -9.54 12.86
CA PRO B 320 -4.02 -9.27 14.05
C PRO B 320 -3.14 -9.13 15.30
N ASN B 321 -3.55 -8.26 16.21
CA ASN B 321 -2.83 -8.00 17.46
C ASN B 321 -3.46 -8.89 18.52
N VAL B 322 -2.84 -10.03 18.79
CA VAL B 322 -3.42 -11.02 19.69
C VAL B 322 -2.32 -11.83 20.38
N HIS B 323 -2.57 -12.18 21.65
CA HIS B 323 -1.64 -12.93 22.47
C HIS B 323 -2.18 -14.28 22.90
N GLU B 324 -1.24 -15.12 23.32
CA GLU B 324 -1.47 -16.51 23.69
C GLU B 324 -2.67 -16.74 24.61
N ASP B 325 -2.81 -15.90 25.64
CA ASP B 325 -3.88 -16.06 26.63
C ASP B 325 -5.04 -15.05 26.52
N ASP B 326 -5.18 -14.39 25.36
CA ASP B 326 -6.30 -13.46 25.14
C ASP B 326 -7.61 -14.25 25.06
N PRO B 327 -8.60 -13.87 25.88
CA PRO B 327 -9.89 -14.54 25.86
C PRO B 327 -10.58 -14.56 24.53
N LEU B 328 -11.38 -15.58 24.31
CA LEU B 328 -12.19 -15.71 23.13
C LEU B 328 -13.62 -15.50 23.62
N TYR B 329 -14.31 -14.51 23.05
CA TYR B 329 -15.65 -14.11 23.53
C TYR B 329 -16.85 -14.67 22.80
N TRP B 330 -17.70 -15.39 23.54
CA TRP B 330 -18.97 -15.83 22.99
C TRP B 330 -19.87 -14.62 22.83
N LYS B 332 -19.84 -10.21 23.98
CA LYS B 332 -19.37 -9.02 24.69
C LYS B 332 -20.57 -8.19 25.16
N ALA B 333 -20.34 -7.36 26.18
CA ALA B 333 -21.37 -6.48 26.73
C ALA B 333 -21.84 -5.44 25.70
N SER B 334 -20.92 -4.92 24.90
CA SER B 334 -21.26 -3.90 23.92
C SER B 334 -22.27 -4.38 22.88
N GLU B 335 -22.25 -5.68 22.55
CA GLU B 335 -23.20 -6.24 21.58
C GLU B 335 -24.63 -6.11 22.08
N VAL B 336 -24.83 -6.33 23.37
CA VAL B 336 -26.17 -6.18 23.97
C VAL B 336 -26.74 -4.80 23.67
N PHE B 338 -26.02 -2.84 21.15
CA PHE B 338 -26.36 -2.72 19.73
C PHE B 338 -27.61 -3.54 19.35
N LEU B 339 -27.88 -4.62 20.07
CA LEU B 339 -29.11 -5.41 19.87
C LEU B 339 -30.33 -4.61 20.35
N LYS B 340 -30.18 -3.93 21.48
CA LYS B 340 -31.25 -3.07 22.00
C LYS B 340 -31.49 -1.88 21.10
N ALA B 341 -30.42 -1.34 20.51
CA ALA B 341 -30.55 -0.20 19.60
C ALA B 341 -31.46 -0.61 18.44
N GLU B 342 -31.16 -1.77 17.84
CA GLU B 342 -31.97 -2.28 16.74
C GLU B 342 -33.40 -2.63 17.18
N GLY B 343 -33.54 -3.25 18.36
CA GLY B 343 -34.87 -3.58 18.91
C GLY B 343 -35.72 -2.33 19.08
N ALA B 344 -35.10 -1.25 19.55
CA ALA B 344 -35.76 0.04 19.68
C ALA B 344 -36.12 0.60 18.28
N LEU B 345 -35.21 0.44 17.34
CA LEU B 345 -35.47 0.85 15.96
C LEU B 345 -36.65 0.04 15.37
N ALA B 346 -36.76 -1.23 15.77
CA ALA B 346 -37.86 -2.12 15.31
C ALA B 346 -39.21 -1.83 15.98
N GLY B 347 -39.21 -0.99 17.02
CA GLY B 347 -40.44 -0.61 17.71
C GLY B 347 -40.71 -1.42 18.97
N PHE B 348 -39.71 -2.14 19.47
CA PHE B 348 -39.89 -2.94 20.69
C PHE B 348 -39.63 -2.10 21.95
N ASP B 349 -40.13 -2.57 23.08
CA ASP B 349 -40.01 -1.85 24.34
C ASP B 349 -38.68 -2.20 25.01
N GLY B 351 -36.70 0.08 26.55
CA GLY B 351 -36.44 1.01 27.65
C GLY B 351 -35.47 2.12 27.30
N GLY B 352 -35.43 2.51 26.02
CA GLY B 352 -34.54 3.57 25.56
C GLY B 352 -34.63 3.76 24.06
N SER B 353 -34.05 4.86 23.57
CA SER B 353 -34.08 5.16 22.14
C SER B 353 -32.93 4.47 21.44
N ALA B 354 -33.05 4.31 20.13
CA ALA B 354 -32.00 3.67 19.31
C ALA B 354 -30.66 4.42 19.42
N GLY B 355 -30.72 5.76 19.37
CA GLY B 355 -29.52 6.59 19.44
C GLY B 355 -28.77 6.49 20.76
N ASP B 356 -29.52 6.42 21.86
CA ASP B 356 -28.92 6.30 23.20
C ASP B 356 -28.17 4.97 23.36
N PHE B 357 -28.80 3.87 22.96
CA PHE B 357 -28.15 2.57 23.04
C PHE B 357 -26.96 2.48 22.07
N TYR B 358 -27.12 3.08 20.89
CA TYR B 358 -26.04 3.13 19.88
C TYR B 358 -24.79 3.78 20.47
N ASN B 359 -24.97 4.94 21.08
CA ASN B 359 -23.86 5.65 21.70
C ASN B 359 -23.28 4.86 22.87
N ALA B 360 -24.13 4.29 23.70
CA ALA B 360 -23.67 3.49 24.83
C ALA B 360 -22.83 2.30 24.34
N GLY B 361 -23.23 1.70 23.21
CA GLY B 361 -22.50 0.60 22.62
C GLY B 361 -21.10 0.99 22.21
N ILE B 362 -20.96 2.18 21.64
CA ILE B 362 -19.64 2.69 21.24
C ILE B 362 -18.75 2.92 22.48
N ARG B 363 -19.29 3.55 23.51
CA ARG B 363 -18.54 3.81 24.75
C ARG B 363 -18.12 2.51 25.43
N SER B 365 -17.67 -0.44 23.93
CA SER B 365 -16.65 -1.11 23.13
C SER B 365 -15.26 -0.48 23.35
N PHE B 366 -15.22 0.84 23.46
CA PHE B 366 -13.95 1.55 23.75
C PHE B 366 -13.39 1.13 25.11
N SER B 367 -14.27 1.01 26.11
CA SER B 367 -13.87 0.56 27.44
C SER B 367 -13.40 -0.89 27.39
N GLU B 368 -14.13 -1.73 26.65
CA GLU B 368 -13.74 -3.13 26.46
C GLU B 368 -12.34 -3.25 25.87
N ASN B 369 -11.97 -2.29 25.03
CA ASN B 369 -10.66 -2.30 24.36
C ASN B 369 -9.60 -1.45 25.09
N GLY B 370 -9.89 -1.03 26.31
CA GLY B 370 -8.96 -0.28 27.13
C GLY B 370 -8.71 1.14 26.69
N LEU B 371 -9.65 1.73 25.95
CA LEU B 371 -9.51 3.12 25.49
C LEU B 371 -10.29 4.00 26.43
N ASP B 372 -9.86 5.26 26.59
CA ASP B 372 -10.53 6.19 27.52
C ASP B 372 -11.83 6.73 26.94
N ASN B 373 -12.68 7.25 27.81
CA ASN B 373 -13.99 7.75 27.37
C ASN B 373 -13.91 9.01 26.51
N SER B 374 -12.86 9.82 26.71
CA SER B 374 -12.66 11.03 25.89
C SER B 374 -12.53 10.62 24.41
N SER B 375 -11.78 9.55 24.15
CA SER B 375 -11.65 8.99 22.77
C SER B 375 -13.01 8.60 22.25
N ALA B 376 -13.76 7.86 23.08
CA ALA B 376 -15.10 7.38 22.73
C ALA B 376 -16.06 8.52 22.40
N GLU B 377 -16.04 9.57 23.21
CA GLU B 377 -16.90 10.75 22.99
C GLU B 377 -16.58 11.47 21.69
N THR B 378 -15.30 11.67 21.42
CA THR B 378 -14.88 12.32 20.17
C THR B 378 -15.29 11.46 18.96
N TYR B 379 -15.12 10.15 19.10
CA TYR B 379 -15.46 9.21 18.02
C TYR B 379 -16.96 9.23 17.68
N LEU B 380 -17.81 9.00 18.68
CA LEU B 380 -19.27 8.98 18.45
C LEU B 380 -19.86 10.34 18.00
N LYS B 381 -19.13 11.44 18.23
CA LYS B 381 -19.57 12.80 17.80
C LYS B 381 -19.03 13.16 16.39
N ASP B 382 -18.24 12.25 15.80
CA ASP B 382 -17.65 12.46 14.46
C ASP B 382 -18.73 12.32 13.37
N SER B 383 -19.04 13.42 12.70
CA SER B 383 -20.08 13.44 11.66
C SER B 383 -19.55 13.65 10.24
N THR B 384 -18.22 13.69 10.08
CA THR B 384 -17.60 13.99 8.77
C THR B 384 -16.77 12.86 8.15
N ARG B 385 -16.09 12.06 8.98
CA ARG B 385 -15.24 10.99 8.46
C ARG B 385 -16.06 9.86 7.83
N LYS B 386 -15.57 9.38 6.68
CA LYS B 386 -16.24 8.35 5.90
C LYS B 386 -15.28 7.20 5.69
N PRO B 387 -15.80 5.98 5.48
CA PRO B 387 -14.92 4.84 5.23
C PRO B 387 -13.92 5.14 4.09
N ALA B 388 -12.70 4.65 4.24
CA ALA B 388 -11.65 4.93 3.29
C ALA B 388 -11.68 4.01 2.07
N ASN B 389 -11.12 4.50 0.97
CA ASN B 389 -10.90 3.70 -0.21
C ASN B 389 -9.78 2.74 0.12
N TYR B 390 -9.73 1.62 -0.59
CA TYR B 390 -8.71 0.61 -0.37
C TYR B 390 -7.67 0.60 -1.50
N THR B 391 -6.40 0.76 -1.13
CA THR B 391 -5.28 0.69 -2.07
C THR B 391 -4.40 -0.52 -1.72
N ASP B 392 -4.18 -1.39 -2.69
CA ASP B 392 -3.27 -2.54 -2.54
C ASP B 392 -1.96 -2.13 -3.21
N THR B 393 -0.95 -1.82 -2.39
CA THR B 393 0.36 -1.35 -2.90
C THR B 393 1.17 -2.44 -3.61
N SER B 394 0.82 -3.71 -3.42
CA SER B 394 1.50 -4.81 -4.12
C SER B 394 0.88 -5.11 -5.46
N ASN B 395 -0.42 -4.83 -5.60
CA ASN B 395 -1.15 -5.14 -6.82
C ASN B 395 -2.28 -4.12 -7.05
N GLY B 396 -2.01 -3.12 -7.89
CA GLY B 396 -2.96 -2.06 -8.20
C GLY B 396 -4.30 -2.49 -8.72
N GLU B 397 -4.36 -3.66 -9.38
CA GLU B 397 -5.62 -4.19 -9.89
C GLU B 397 -6.61 -4.56 -8.78
N LEU B 398 -6.12 -4.76 -7.56
CA LEU B 398 -6.98 -5.12 -6.43
C LEU B 398 -7.49 -3.92 -5.61
N SER B 399 -7.11 -2.70 -5.98
CA SER B 399 -7.63 -1.52 -5.29
C SER B 399 -9.14 -1.41 -5.52
N ALA B 400 -9.85 -0.81 -4.56
CA ALA B 400 -11.31 -0.69 -4.62
C ALA B 400 -11.78 0.56 -3.89
N ASN B 401 -12.95 1.05 -4.26
CA ASN B 401 -13.55 2.19 -3.60
C ASN B 401 -14.16 1.78 -2.26
N ALA B 402 -14.30 2.73 -1.36
CA ALA B 402 -14.96 2.48 -0.09
C ALA B 402 -16.35 1.89 -0.40
N PRO B 403 -16.76 0.84 0.34
CA PRO B 403 -18.06 0.22 0.08
C PRO B 403 -19.26 0.98 0.64
N SER B 404 -18.99 1.97 1.50
CA SER B 404 -20.05 2.79 2.06
C SER B 404 -19.54 4.19 2.36
N SER B 405 -20.47 5.12 2.52
CA SER B 405 -20.13 6.49 2.90
C SER B 405 -20.81 6.88 4.23
N ILE B 406 -21.32 5.90 4.97
CA ILE B 406 -22.02 6.16 6.24
C ILE B 406 -21.05 6.75 7.28
N THR B 407 -21.49 7.80 7.97
CA THR B 407 -20.68 8.43 9.00
C THR B 407 -21.09 7.92 10.37
N ILE B 408 -20.30 8.24 11.39
CA ILE B 408 -20.48 7.68 12.72
C ILE B 408 -21.61 8.31 13.54
N ARG B 409 -21.62 9.64 13.63
CA ARG B 409 -22.56 10.30 14.52
C ARG B 409 -24.03 10.02 14.20
N TRP B 410 -24.77 9.70 15.24
CA TRP B 410 -26.17 9.37 15.13
C TRP B 410 -26.96 10.56 14.66
N GLU B 411 -27.91 10.31 13.77
CA GLU B 411 -28.80 11.36 13.28
C GLU B 411 -30.23 10.87 13.44
N ASN B 412 -31.01 11.54 14.28
CA ASN B 412 -32.40 11.17 14.53
C ASN B 412 -33.26 11.22 13.27
N GLY B 413 -32.93 12.13 12.35
CA GLY B 413 -33.67 12.30 11.09
C GLY B 413 -33.20 11.44 9.93
N ALA B 414 -32.32 10.47 10.19
CA ALA B 414 -31.85 9.59 9.11
C ALA B 414 -32.95 8.60 8.73
N THR B 415 -32.82 7.99 7.56
CA THR B 415 -33.79 6.98 7.13
C THR B 415 -33.63 5.75 8.02
N GLU B 416 -34.63 4.87 8.04
CA GLU B 416 -34.56 3.67 8.87
C GLU B 416 -33.39 2.76 8.45
N GLU B 417 -33.13 2.67 7.14
CA GLU B 417 -31.99 1.90 6.64
C GLU B 417 -30.66 2.47 7.12
N GLU B 418 -30.52 3.79 7.03
CA GLU B 418 -29.27 4.46 7.48
C GLU B 418 -29.03 4.22 8.98
N LYS B 419 -30.10 4.28 9.77
CA LYS B 419 -30.01 4.00 11.20
C LYS B 419 -29.56 2.54 11.43
N LEU B 420 -30.16 1.61 10.69
CA LEU B 420 -29.76 0.21 10.78
C LEU B 420 -28.29 0.06 10.37
N GLU B 421 -27.91 0.68 9.26
CA GLU B 421 -26.53 0.60 8.77
C GLU B 421 -25.53 1.03 9.85
N ARG B 422 -25.82 2.15 10.52
CA ARG B 422 -24.97 2.64 11.60
C ARG B 422 -24.85 1.65 12.74
N ILE B 423 -26.00 1.15 13.20
CA ILE B 423 -26.04 0.19 14.32
C ILE B 423 -25.24 -1.08 14.00
N ILE B 424 -25.47 -1.66 12.83
CA ILE B 424 -24.79 -2.92 12.43
C ILE B 424 -23.29 -2.72 12.13
N THR B 425 -22.95 -1.63 11.48
CA THR B 425 -21.55 -1.32 11.19
C THR B 425 -20.74 -1.13 12.50
N GLN B 426 -21.33 -0.48 13.49
CA GLN B 426 -20.67 -0.28 14.79
C GLN B 426 -20.68 -1.54 15.65
N LYS B 427 -21.73 -2.36 15.56
CA LYS B 427 -21.75 -3.65 16.25
C LYS B 427 -20.64 -4.52 15.68
N TYR B 428 -20.50 -4.47 14.35
CA TYR B 428 -19.49 -5.22 13.60
C TYR B 428 -18.06 -4.92 14.09
N LEU B 429 -17.78 -3.65 14.32
CA LEU B 429 -16.48 -3.25 14.85
C LEU B 429 -16.32 -3.65 16.32
N ALA B 430 -17.44 -3.62 17.08
CA ALA B 430 -17.42 -3.98 18.51
C ALA B 430 -17.22 -5.48 18.76
N ILE B 431 -17.81 -6.33 17.91
CA ILE B 431 -17.72 -7.79 18.11
C ILE B 431 -16.52 -8.48 17.46
N PHE B 432 -15.67 -7.70 16.78
CA PHE B 432 -14.41 -8.24 16.22
C PHE B 432 -13.66 -9.02 17.35
N PRO B 433 -13.07 -10.21 17.02
CA PRO B 433 -12.99 -10.95 15.75
C PRO B 433 -14.03 -12.09 15.58
N ASN B 434 -15.26 -11.89 16.07
CA ASN B 434 -16.30 -12.94 15.91
C ASN B 434 -16.87 -12.92 14.48
N GLY B 435 -16.13 -13.53 13.55
CA GLY B 435 -16.51 -13.56 12.13
C GLY B 435 -17.80 -14.29 11.83
N GLN B 436 -18.10 -15.33 12.60
CA GLN B 436 -19.33 -16.09 12.41
C GLN B 436 -20.54 -15.17 12.61
N GLU B 437 -20.56 -14.47 13.73
CA GLU B 437 -21.66 -13.55 14.04
C GLU B 437 -21.69 -12.34 13.06
N ALA B 438 -20.51 -11.83 12.70
CA ALA B 438 -20.38 -10.73 11.74
C ALA B 438 -20.98 -11.12 10.38
N TRP B 439 -20.65 -12.33 9.93
CA TRP B 439 -21.16 -12.87 8.64
C TRP B 439 -22.67 -13.10 8.69
N THR B 440 -23.14 -13.69 9.79
CA THR B 440 -24.57 -13.91 10.00
C THR B 440 -25.32 -12.60 9.93
N GLU B 441 -24.81 -11.57 10.60
CA GLU B 441 -25.47 -10.27 10.59
C GLU B 441 -25.40 -9.55 9.23
N TRP B 442 -24.35 -9.79 8.47
CA TRP B 442 -24.23 -9.23 7.13
C TRP B 442 -25.26 -9.88 6.22
N ARG B 443 -25.38 -11.20 6.30
CA ARG B 443 -26.41 -11.91 5.54
C ARG B 443 -27.80 -11.40 5.88
N ARG B 444 -28.05 -11.17 7.16
CA ARG B 444 -29.38 -10.78 7.60
C ARG B 444 -29.78 -9.35 7.21
N THR B 445 -28.81 -8.42 7.32
CA THR B 445 -29.08 -6.98 7.12
C THR B 445 -28.39 -6.33 5.91
N GLY B 446 -27.31 -6.93 5.42
CA GLY B 446 -26.50 -6.38 4.33
C GLY B 446 -25.38 -5.48 4.83
N TYR B 447 -25.26 -5.35 6.16
CA TYR B 447 -24.28 -4.44 6.74
C TYR B 447 -23.24 -5.16 7.61
N PRO B 448 -22.01 -4.62 7.66
CA PRO B 448 -21.55 -3.48 6.89
C PRO B 448 -21.33 -3.85 5.44
N ARG B 449 -21.52 -2.87 4.55
CA ARG B 449 -21.34 -3.09 3.13
C ARG B 449 -19.90 -3.56 2.93
N GLN B 450 -19.72 -4.58 2.10
CA GLN B 450 -18.43 -5.24 1.90
C GLN B 450 -17.72 -4.84 0.60
N ILE B 451 -16.41 -5.03 0.58
CA ILE B 451 -15.63 -4.95 -0.67
C ILE B 451 -15.75 -6.39 -1.25
N VAL B 452 -16.39 -6.52 -2.42
CA VAL B 452 -16.69 -7.83 -3.01
C VAL B 452 -15.41 -8.57 -3.42
N VAL B 453 -15.51 -9.88 -3.56
CA VAL B 453 -14.35 -10.69 -3.99
C VAL B 453 -13.85 -10.27 -5.39
N ALA B 454 -12.55 -10.44 -5.62
CA ALA B 454 -11.91 -10.11 -6.89
C ALA B 454 -12.07 -11.28 -7.89
N GLU B 455 -12.10 -12.51 -7.39
CA GLU B 455 -12.29 -13.67 -8.24
C GLU B 455 -13.24 -14.66 -7.58
N ASN B 456 -14.03 -15.33 -8.40
CA ASN B 456 -15.04 -16.26 -7.92
C ASN B 456 -14.78 -17.60 -8.55
N LYS B 457 -14.37 -18.56 -7.73
CA LYS B 457 -14.10 -19.93 -8.19
C LYS B 457 -15.18 -20.89 -7.68
N THR B 458 -16.39 -20.38 -7.50
CA THR B 458 -17.43 -21.16 -6.87
C THR B 458 -17.85 -22.44 -7.60
N ASN B 459 -18.17 -23.46 -6.79
CA ASN B 459 -18.73 -24.72 -7.24
C ASN B 459 -20.14 -24.86 -6.65
N SER B 460 -20.68 -23.77 -6.09
CA SER B 460 -21.92 -23.83 -5.39
C SER B 460 -22.85 -22.64 -5.74
N ALA B 461 -22.71 -22.13 -6.98
CA ALA B 461 -23.58 -21.05 -7.51
C ALA B 461 -23.57 -19.73 -6.73
N VAL B 462 -22.51 -19.45 -5.99
CA VAL B 462 -22.41 -18.18 -5.24
C VAL B 462 -22.10 -17.02 -6.21
N LEU B 463 -22.78 -15.91 -5.99
CA LEU B 463 -22.60 -14.70 -6.79
C LEU B 463 -21.64 -13.75 -6.14
N ILE B 464 -20.85 -13.04 -6.94
CA ILE B 464 -19.97 -12.01 -6.41
C ILE B 464 -20.88 -10.98 -5.72
N GLY B 465 -21.95 -10.59 -6.42
CA GLY B 465 -22.94 -9.68 -5.84
C GLY B 465 -22.46 -8.26 -5.70
N ASN B 466 -23.11 -7.53 -4.79
CA ASN B 466 -22.82 -6.10 -4.60
C ASN B 466 -22.25 -5.74 -3.20
N GLY B 467 -21.98 -6.76 -2.37
CA GLY B 467 -21.45 -6.53 -1.05
C GLY B 467 -22.48 -6.02 -0.05
N TYR B 468 -23.74 -5.97 -0.48
CA TYR B 468 -24.82 -5.46 0.34
C TYR B 468 -25.96 -6.50 0.42
N ASP B 469 -26.97 -6.39 -0.46
CA ASP B 469 -28.14 -7.28 -0.41
C ASP B 469 -28.16 -8.38 -1.46
N LEU B 470 -27.12 -8.45 -2.28
CA LEU B 470 -27.04 -9.44 -3.35
C LEU B 470 -25.77 -10.22 -3.28
N GLY B 471 -25.89 -11.54 -3.32
CA GLY B 471 -24.75 -12.41 -3.44
C GLY B 471 -24.07 -12.78 -2.16
N GLY B 472 -22.81 -13.19 -2.29
CA GLY B 472 -22.05 -13.70 -1.16
C GLY B 472 -22.51 -15.07 -0.74
N VAL B 473 -21.78 -15.66 0.19
CA VAL B 473 -22.08 -16.99 0.70
C VAL B 473 -23.30 -16.87 1.62
N ARG B 474 -24.39 -17.57 1.29
CA ARG B 474 -25.63 -17.50 2.08
C ARG B 474 -25.79 -18.59 3.11
N ARG B 475 -25.00 -19.65 2.97
CA ARG B 475 -24.97 -20.78 3.90
C ARG B 475 -23.90 -21.71 3.39
N LEU B 476 -23.51 -22.69 4.22
CA LEU B 476 -22.69 -23.79 3.74
C LEU B 476 -23.63 -24.86 3.17
N PRO B 477 -23.22 -25.52 2.08
CA PRO B 477 -23.99 -26.63 1.60
C PRO B 477 -23.85 -27.80 2.58
N TYR B 478 -24.73 -28.77 2.51
CA TYR B 478 -24.65 -29.94 3.40
C TYR B 478 -23.45 -30.80 3.07
N PRO B 479 -22.93 -31.55 4.06
CA PRO B 479 -21.75 -32.36 3.82
C PRO B 479 -22.07 -33.63 3.08
N ARG B 480 -21.11 -34.12 2.28
CA ARG B 480 -21.27 -35.41 1.59
C ARG B 480 -21.57 -36.56 2.56
N THR B 481 -21.02 -36.51 3.78
CA THR B 481 -21.24 -37.60 4.75
C THR B 481 -22.73 -37.81 5.02
N GLU B 482 -23.50 -36.71 5.04
CA GLU B 482 -24.96 -36.78 5.23
C GLU B 482 -25.67 -37.34 4.01
N TYR B 483 -25.19 -37.01 2.81
CA TYR B 483 -25.72 -37.62 1.58
C TYR B 483 -25.47 -39.15 1.60
N GLU B 484 -24.31 -39.54 2.16
CA GLU B 484 -23.89 -40.94 2.19
C GLU B 484 -24.54 -41.80 3.26
N GLN B 485 -24.85 -41.25 4.44
CA GLN B 485 -25.42 -42.10 5.50
C GLN B 485 -26.79 -41.68 6.04
N ASN B 486 -27.30 -40.52 5.61
CA ASN B 486 -28.61 -40.05 6.09
C ASN B 486 -29.35 -39.38 4.90
N GLY B 487 -29.25 -40.03 3.73
CA GLY B 487 -29.72 -39.47 2.47
C GLY B 487 -31.20 -39.19 2.31
N GLU B 488 -32.04 -40.08 2.82
CA GLU B 488 -33.49 -39.93 2.73
C GLU B 488 -33.95 -38.74 3.56
N ASN B 489 -33.49 -38.65 4.80
CA ASN B 489 -33.82 -37.52 5.67
C ASN B 489 -33.29 -36.21 5.14
N LEU B 490 -32.08 -36.24 4.57
CA LEU B 490 -31.47 -35.05 4.01
C LEU B 490 -32.29 -34.52 2.83
N HIS B 491 -32.69 -35.43 1.94
CA HIS B 491 -33.51 -35.09 0.79
C HIS B 491 -34.81 -34.41 1.22
N ASN B 492 -35.46 -34.96 2.25
CA ASN B 492 -36.68 -34.36 2.78
C ASN B 492 -36.46 -32.93 3.27
N ALA B 493 -35.35 -32.69 3.97
CA ALA B 493 -35.01 -31.35 4.45
C ALA B 493 -34.73 -30.39 3.30
N ILE B 494 -33.99 -30.86 2.31
CA ILE B 494 -33.66 -30.04 1.13
C ILE B 494 -34.94 -29.68 0.33
N SER B 495 -35.78 -30.66 0.11
CA SER B 495 -37.03 -30.47 -0.62
CA SER B 495 -37.02 -30.47 -0.63
C SER B 495 -38.00 -29.54 0.12
N GLN B 496 -38.15 -29.75 1.42
CA GLN B 496 -39.11 -28.98 2.23
C GLN B 496 -38.68 -27.57 2.63
N TYR B 497 -37.40 -27.40 2.98
CA TYR B 497 -36.94 -26.14 3.53
C TYR B 497 -35.98 -25.31 2.69
N LEU B 498 -35.33 -25.92 1.69
CA LEU B 498 -34.36 -25.20 0.84
C LEU B 498 -34.81 -25.12 -0.62
N GLY B 499 -36.10 -25.32 -0.87
CA GLY B 499 -36.66 -25.25 -2.22
C GLY B 499 -36.04 -26.24 -3.21
N GLY B 500 -35.56 -27.39 -2.70
CA GLY B 500 -34.94 -28.42 -3.52
C GLY B 500 -33.50 -28.17 -3.94
N VAL B 501 -32.91 -27.08 -3.47
CA VAL B 501 -31.56 -26.67 -3.93
C VAL B 501 -30.54 -26.53 -2.78
N ASP B 502 -29.68 -27.54 -2.66
CA ASP B 502 -28.64 -27.58 -1.63
C ASP B 502 -27.34 -26.97 -2.15
N ASN B 503 -27.26 -25.65 -2.13
CA ASN B 503 -26.04 -24.95 -2.47
C ASN B 503 -25.83 -23.69 -1.61
N ALA B 504 -24.69 -23.05 -1.76
CA ALA B 504 -24.34 -21.92 -0.88
C ALA B 504 -25.04 -20.61 -1.27
N ALA B 505 -25.75 -20.61 -2.39
CA ALA B 505 -26.53 -19.44 -2.83
C ALA B 505 -27.95 -19.42 -2.22
N THR B 506 -28.38 -20.57 -1.70
CA THR B 506 -29.72 -20.68 -1.11
C THR B 506 -29.74 -20.05 0.27
N LYS B 507 -30.87 -19.43 0.62
CA LYS B 507 -31.01 -18.71 1.87
C LYS B 507 -31.67 -19.53 2.98
N VAL B 508 -31.29 -19.23 4.22
CA VAL B 508 -31.86 -19.87 5.38
C VAL B 508 -33.09 -19.09 5.79
N TRP B 509 -33.90 -19.67 6.67
CA TRP B 509 -35.18 -19.08 7.08
C TRP B 509 -35.17 -17.62 7.57
N TRP B 510 -34.23 -17.24 8.43
CA TRP B 510 -34.20 -15.83 8.92
C TRP B 510 -33.71 -14.81 7.87
N ASP B 511 -33.11 -15.28 6.78
CA ASP B 511 -32.57 -14.40 5.74
C ASP B 511 -33.70 -13.98 4.78
N LYS B 512 -34.45 -12.95 5.16
CA LYS B 512 -35.62 -12.51 4.39
C LYS B 512 -35.52 -11.14 3.64
N LYS B 513 -34.55 -10.30 3.98
CA LYS B 513 -34.34 -9.00 3.27
C LYS B 513 -33.61 -9.14 1.90
N SER B 514 -32.57 -9.97 1.87
CA SER B 514 -31.71 -10.12 0.66
C SER B 514 -32.44 -10.58 -0.60
N LYS B 515 -31.82 -10.31 -1.76
CA LYS B 515 -32.34 -10.73 -3.05
C LYS B 515 -31.41 -11.78 -3.68
#